data_1U1J
#
_entry.id   1U1J
#
_cell.length_a   123.465
_cell.length_b   123.465
_cell.length_c   132.721
_cell.angle_alpha   90.00
_cell.angle_beta   90.00
_cell.angle_gamma   120.00
#
_symmetry.space_group_name_H-M   'P 65'
#
loop_
_entity.id
_entity.type
_entity.pdbx_description
1 polymer '5-methyltetrahydropteroyltriglutamate--homocysteine methyltransferase'
2 non-polymer 'ZINC ION'
3 non-polymer 'SULFATE ION'
4 non-polymer METHIONINE
5 non-polymer '5-METHYL-5,6,7,8-TETRAHYDROFOLIC ACID'
6 water water
#
_entity_poly.entity_id   1
_entity_poly.type   'polypeptide(L)'
_entity_poly.pdbx_seq_one_letter_code
;(MSE)ASHIVGYPR(MSE)GPKRELKFALESFWDGKSTAEDLQKVSADLRSSIWKQ(MSE)SAAGTKFIPSNTFAHYDQV
LDTTA(MSE)LGAVPPRYGYTGGEIGLDVYFS(MSE)ARGNASVPA(MSE)E(MSE)TKWFDTNYHYIVPELGPEVNFSY
ASHKAVNEYKEAKALGVDTVPVLVGPVSYLLLSKAAKGVDKSFELLSLLPKILPIYKEVITELKAAGATWIQLDEPVLV
(MSE)DLEGQKLQAFTGAYAELESTLSGLNVLVETYFADIPAEAYKTLTSLKGVTAFGFDLVRGTKTLDLVKAGFPEGKY
LFAGVVDGRNIWANDFAASLSTLQALEGIVGKDKLVVSTSCSLLHTAVDLINETKLDDEIKSW(MSE)AFAAQKVVEVNA
LAKALAGQKDEALFSANAAALASRRSSPRVTNEGVQKAAAALKGSDHRRATNVSARLDAQQKKLNLPILPTTTIGSFPQT
VELRRVRREYKAKKVSEEDYVKAIKEEIKKVVDLQEELDIDVLVHGEPERND(MSE)VEYFGEQLSGFAFTANGWVQSYG
SRCVKPPVIYGDVSRPKA(MSE)TVFWSA(MSE)AQS(MSE)TSRP(MSE)KG(MSE)LTGPVTILNWSFVRNDQPRHET
CYQIALAIKDEVEDLEKGGIGVIQIDEAALREGLPLRKSEHAFYLDWAVHSFRITNCGVQDSTQIHTH(MSE)CYSHFND
IIHSIID(MSE)DADVITIENSRSDEKLLSVFREGVKYGAGIGPGVYDIHSPRIPSSEEIADRVNK(MSE)LAVLEQNIL
WVNPDCGLKTRKYTEVKPALKN(MSE)VDAAKLIRSQLASAK
;
_entity_poly.pdbx_strand_id   A
#
loop_
_chem_comp.id
_chem_comp.type
_chem_comp.name
_chem_comp.formula
C2F non-polymer '5-METHYL-5,6,7,8-TETRAHYDROFOLIC ACID' 'C20 H25 N7 O6'
SO4 non-polymer 'SULFATE ION' 'O4 S -2'
ZN non-polymer 'ZINC ION' 'Zn 2'
#
# COMPACT_ATOMS: atom_id res chain seq x y z
N ALA A 2 -16.81 20.41 -18.11
CA ALA A 2 -15.61 21.16 -17.64
C ALA A 2 -14.52 20.18 -17.20
N SER A 3 -13.67 20.63 -16.28
CA SER A 3 -12.57 19.81 -15.75
C SER A 3 -12.64 19.68 -14.22
N HIS A 4 -12.11 18.58 -13.69
CA HIS A 4 -12.13 18.30 -12.25
C HIS A 4 -10.99 17.39 -11.77
N ILE A 5 -10.53 17.60 -10.54
CA ILE A 5 -9.49 16.77 -9.92
C ILE A 5 -10.06 16.36 -8.56
N VAL A 6 -10.16 15.05 -8.31
CA VAL A 6 -10.75 14.60 -7.03
C VAL A 6 -9.91 14.91 -5.79
N GLY A 7 -8.60 15.04 -5.98
CA GLY A 7 -7.72 15.32 -4.85
C GLY A 7 -6.31 15.53 -5.34
N TYR A 8 -5.42 15.95 -4.44
CA TYR A 8 -4.04 16.25 -4.85
C TYR A 8 -3.02 15.93 -3.73
N PRO A 9 -1.75 15.66 -4.10
CA PRO A 9 -0.72 15.35 -3.12
C PRO A 9 -0.51 16.54 -2.20
N ARG A 10 -0.06 16.30 -0.98
CA ARG A 10 0.17 17.42 -0.06
C ARG A 10 1.56 17.43 0.59
N MSE A 11 2.55 16.85 -0.09
CA MSE A 11 3.90 16.81 0.46
C MSE A 11 4.79 17.91 -0.14
O MSE A 11 5.73 18.36 0.50
CB MSE A 11 4.54 15.44 0.22
CG MSE A 11 5.42 14.97 1.36
SE MSE A 11 4.50 13.98 2.79
CE MSE A 11 3.34 15.35 3.50
N GLY A 12 4.46 18.33 -1.35
CA GLY A 12 5.24 19.37 -2.03
C GLY A 12 6.11 18.76 -3.11
N PRO A 13 6.47 19.50 -4.16
CA PRO A 13 7.31 18.97 -5.26
C PRO A 13 8.61 18.34 -4.75
N LYS A 14 9.16 18.92 -3.69
CA LYS A 14 10.40 18.43 -3.11
C LYS A 14 10.15 18.02 -1.65
N ARG A 15 8.97 17.48 -1.40
CA ARG A 15 8.58 17.03 -0.06
C ARG A 15 8.76 18.10 1.00
N GLU A 16 8.44 19.33 0.65
CA GLU A 16 8.54 20.47 1.56
C GLU A 16 7.81 20.23 2.89
N LEU A 17 6.57 19.76 2.82
CA LEU A 17 5.78 19.49 4.02
C LEU A 17 6.39 18.38 4.87
N LYS A 18 7.11 17.47 4.24
CA LYS A 18 7.74 16.36 4.96
C LYS A 18 8.77 16.87 5.95
N PHE A 19 9.61 17.79 5.50
CA PHE A 19 10.66 18.33 6.36
C PHE A 19 10.14 19.37 7.35
N ALA A 20 9.08 20.08 6.96
CA ALA A 20 8.46 21.08 7.81
C ALA A 20 7.82 20.38 8.99
N LEU A 21 7.12 19.28 8.71
CA LEU A 21 6.47 18.50 9.75
C LEU A 21 7.51 17.96 10.72
N GLU A 22 8.50 17.25 10.17
CA GLU A 22 9.58 16.68 10.97
C GLU A 22 10.33 17.77 11.74
N SER A 23 10.57 18.91 11.10
CA SER A 23 11.25 20.03 11.75
C SER A 23 10.42 20.49 12.95
N PHE A 24 9.13 20.72 12.73
CA PHE A 24 8.25 21.14 13.81
C PHE A 24 8.24 20.11 14.95
N TRP A 25 8.13 18.83 14.59
CA TRP A 25 8.10 17.75 15.59
C TRP A 25 9.37 17.66 16.44
N ASP A 26 10.52 18.02 15.86
CA ASP A 26 11.78 17.94 16.58
C ASP A 26 11.96 19.16 17.49
N GLY A 27 11.41 20.29 17.04
CA GLY A 27 11.50 21.50 17.83
C GLY A 27 12.44 22.52 17.20
N LYS A 28 12.92 22.22 16.00
CA LYS A 28 13.84 23.09 15.30
C LYS A 28 13.10 24.26 14.62
N SER A 29 11.78 24.32 14.81
CA SER A 29 10.93 25.37 14.23
C SER A 29 9.64 25.47 15.04
N THR A 30 8.88 26.54 14.82
CA THR A 30 7.64 26.74 15.57
C THR A 30 6.38 26.45 14.75
N ALA A 31 5.23 26.48 15.42
CA ALA A 31 3.94 26.21 14.78
C ALA A 31 3.74 27.17 13.61
N GLU A 32 4.06 28.45 13.81
CA GLU A 32 3.89 29.45 12.77
C GLU A 32 4.73 29.16 11.53
N ASP A 33 5.92 28.61 11.74
CA ASP A 33 6.80 28.28 10.63
C ASP A 33 6.15 27.17 9.80
N LEU A 34 5.43 26.29 10.49
CA LEU A 34 4.75 25.17 9.86
C LEU A 34 3.61 25.69 9.00
N GLN A 35 2.75 26.53 9.59
CA GLN A 35 1.61 27.10 8.89
C GLN A 35 1.98 27.96 7.67
N LYS A 36 3.15 28.57 7.72
CA LYS A 36 3.61 29.37 6.60
C LYS A 36 3.87 28.42 5.44
N VAL A 37 4.65 27.37 5.69
CA VAL A 37 4.96 26.37 4.68
C VAL A 37 3.69 25.75 4.11
N SER A 38 2.73 25.49 5.00
CA SER A 38 1.46 24.89 4.63
C SER A 38 0.61 25.78 3.74
N ALA A 39 0.40 27.02 4.15
CA ALA A 39 -0.40 27.98 3.39
C ALA A 39 0.25 28.28 2.03
N ASP A 40 1.57 28.16 1.96
CA ASP A 40 2.28 28.42 0.71
C ASP A 40 2.04 27.31 -0.28
N LEU A 41 2.20 26.08 0.21
CA LEU A 41 2.02 24.89 -0.62
C LEU A 41 0.59 24.89 -1.17
N ARG A 42 -0.38 25.16 -0.30
CA ARG A 42 -1.79 25.19 -0.72
C ARG A 42 -2.02 26.24 -1.80
N SER A 43 -1.48 27.43 -1.60
CA SER A 43 -1.62 28.52 -2.57
C SER A 43 -1.14 28.18 -3.97
N SER A 44 0.07 27.62 -4.05
CA SER A 44 0.66 27.24 -5.34
C SER A 44 -0.10 26.11 -6.01
N ILE A 45 -0.61 25.17 -5.22
CA ILE A 45 -1.38 24.04 -5.75
C ILE A 45 -2.65 24.55 -6.41
N TRP A 46 -3.37 25.42 -5.69
CA TRP A 46 -4.60 26.00 -6.19
C TRP A 46 -4.35 26.82 -7.44
N LYS A 47 -3.47 27.78 -7.32
CA LYS A 47 -3.13 28.64 -8.44
C LYS A 47 -2.70 27.80 -9.65
N GLN A 48 -1.99 26.71 -9.36
CA GLN A 48 -1.49 25.82 -10.40
C GLN A 48 -2.58 25.16 -11.20
N MSE A 49 -3.57 24.60 -10.50
CA MSE A 49 -4.69 23.92 -11.15
C MSE A 49 -5.58 24.95 -11.81
O MSE A 49 -6.19 24.70 -12.85
CB MSE A 49 -5.50 23.14 -10.11
CG MSE A 49 -4.74 22.00 -9.43
SE MSE A 49 -5.95 21.02 -8.26
CE MSE A 49 -7.17 20.56 -9.65
N SER A 50 -5.63 26.11 -11.18
CA SER A 50 -6.40 27.26 -11.66
C SER A 50 -5.94 27.66 -13.05
N ALA A 51 -4.64 27.95 -13.17
CA ALA A 51 -4.02 28.34 -14.42
C ALA A 51 -4.12 27.28 -15.52
N ALA A 52 -4.28 26.03 -15.13
CA ALA A 52 -4.38 24.94 -16.09
C ALA A 52 -5.75 24.93 -16.76
N GLY A 53 -6.69 25.71 -16.21
CA GLY A 53 -8.02 25.77 -16.80
C GLY A 53 -9.02 24.85 -16.11
N THR A 54 -8.63 24.32 -14.96
CA THR A 54 -9.46 23.41 -14.18
C THR A 54 -10.67 24.13 -13.60
N LYS A 55 -11.85 23.62 -13.92
CA LYS A 55 -13.12 24.19 -13.45
C LYS A 55 -13.41 23.89 -11.98
N PHE A 56 -13.32 22.61 -11.61
CA PHE A 56 -13.57 22.20 -10.23
C PHE A 56 -12.25 21.87 -9.54
N ILE A 57 -11.82 22.79 -8.69
CA ILE A 57 -10.57 22.66 -7.94
C ILE A 57 -10.89 22.33 -6.49
N PRO A 58 -10.37 21.18 -5.99
CA PRO A 58 -10.57 20.68 -4.63
C PRO A 58 -10.04 21.54 -3.51
N SER A 59 -10.82 21.59 -2.43
CA SER A 59 -10.48 22.37 -1.25
C SER A 59 -10.51 21.35 -0.11
N ASN A 60 -9.60 21.44 0.83
CA ASN A 60 -9.54 20.52 1.96
C ASN A 60 -8.89 19.16 1.63
N THR A 61 -8.18 19.07 0.51
CA THR A 61 -7.49 17.81 0.18
C THR A 61 -6.18 17.83 0.95
N PHE A 62 -5.70 19.02 1.25
CA PHE A 62 -4.46 19.15 2.00
C PHE A 62 -4.67 18.61 3.41
N ALA A 63 -3.63 18.01 3.97
CA ALA A 63 -3.70 17.47 5.33
C ALA A 63 -2.30 17.45 5.90
N HIS A 64 -2.18 17.67 7.21
CA HIS A 64 -0.87 17.66 7.85
C HIS A 64 -0.39 16.23 8.09
N TYR A 65 -1.33 15.29 8.15
CA TYR A 65 -1.00 13.88 8.39
C TYR A 65 -1.91 12.94 7.60
N ASP A 66 -3.23 13.07 7.80
CA ASP A 66 -4.19 12.18 7.13
C ASP A 66 -5.58 12.80 7.01
N GLN A 67 -6.29 12.50 5.92
CA GLN A 67 -7.63 13.05 5.67
C GLN A 67 -8.74 12.49 6.58
N VAL A 68 -8.60 11.25 7.03
CA VAL A 68 -9.60 10.66 7.92
C VAL A 68 -9.39 11.25 9.32
N LEU A 69 -8.14 11.46 9.71
CA LEU A 69 -7.85 12.05 11.01
C LEU A 69 -8.44 13.46 10.95
N ASP A 70 -8.43 14.06 9.75
CA ASP A 70 -8.97 15.41 9.58
C ASP A 70 -10.45 15.43 9.92
N THR A 71 -11.19 14.43 9.44
CA THR A 71 -12.61 14.39 9.73
C THR A 71 -12.82 14.10 11.22
N THR A 72 -11.98 13.25 11.80
CA THR A 72 -12.07 12.93 13.23
C THR A 72 -11.99 14.21 14.09
N ALA A 73 -11.15 15.15 13.65
CA ALA A 73 -10.98 16.42 14.35
C ALA A 73 -12.22 17.27 14.12
N MSE A 74 -12.76 17.21 12.91
CA MSE A 74 -13.95 17.97 12.54
C MSE A 74 -15.12 17.58 13.44
O MSE A 74 -15.93 18.43 13.80
CB MSE A 74 -14.31 17.69 11.07
CG MSE A 74 -15.49 18.50 10.54
SE MSE A 74 -16.05 18.07 8.73
CE MSE A 74 -17.28 16.66 9.13
N LEU A 75 -15.19 16.30 13.80
CA LEU A 75 -16.28 15.79 14.63
C LEU A 75 -15.93 15.71 16.12
N GLY A 76 -14.80 16.30 16.50
CA GLY A 76 -14.39 16.30 17.89
C GLY A 76 -14.36 14.92 18.51
N ALA A 77 -14.11 13.90 17.68
CA ALA A 77 -14.06 12.52 18.12
C ALA A 77 -12.68 12.07 18.63
N VAL A 78 -12.09 12.83 19.55
CA VAL A 78 -10.79 12.42 20.07
C VAL A 78 -10.96 11.41 21.21
N PRO A 79 -10.14 10.34 21.20
CA PRO A 79 -10.21 9.31 22.23
C PRO A 79 -9.94 9.91 23.61
N PRO A 80 -10.49 9.28 24.67
CA PRO A 80 -10.35 9.69 26.07
C PRO A 80 -8.93 9.89 26.60
N ARG A 81 -8.06 8.92 26.31
CA ARG A 81 -6.68 8.96 26.78
C ARG A 81 -5.93 10.25 26.49
N TYR A 82 -6.42 11.04 25.54
CA TYR A 82 -5.74 12.28 25.18
C TYR A 82 -6.13 13.45 26.08
N GLY A 83 -7.12 13.20 26.94
CA GLY A 83 -7.58 14.22 27.87
C GLY A 83 -8.02 15.52 27.21
N TYR A 84 -8.75 15.41 26.10
CA TYR A 84 -9.26 16.57 25.37
C TYR A 84 -10.47 17.12 26.12
N THR A 85 -10.59 18.44 26.19
CA THR A 85 -11.70 19.04 26.91
C THR A 85 -12.70 19.84 26.08
N GLY A 86 -12.52 19.86 24.76
CA GLY A 86 -13.44 20.62 23.91
C GLY A 86 -12.84 21.87 23.32
N GLY A 87 -13.56 22.47 22.38
CA GLY A 87 -13.09 23.69 21.73
C GLY A 87 -12.33 23.39 20.46
N GLU A 88 -12.07 24.41 19.65
CA GLU A 88 -11.34 24.25 18.40
C GLU A 88 -10.05 23.47 18.62
N ILE A 89 -9.95 22.32 17.96
CA ILE A 89 -8.77 21.44 18.04
C ILE A 89 -7.59 22.03 17.27
N GLY A 90 -6.39 21.93 17.84
CA GLY A 90 -5.20 22.49 17.21
C GLY A 90 -4.08 21.48 17.01
N LEU A 91 -2.92 21.97 16.55
CA LEU A 91 -1.77 21.10 16.29
C LEU A 91 -1.44 20.10 17.38
N ASP A 92 -1.55 20.52 18.63
CA ASP A 92 -1.25 19.64 19.76
C ASP A 92 -2.06 18.35 19.78
N VAL A 93 -3.39 18.49 19.90
CA VAL A 93 -4.28 17.34 19.95
C VAL A 93 -4.25 16.51 18.66
N TYR A 94 -4.08 17.19 17.51
CA TYR A 94 -4.04 16.52 16.22
C TYR A 94 -2.88 15.54 16.13
N PHE A 95 -1.67 16.04 16.36
CA PHE A 95 -0.47 15.19 16.31
C PHE A 95 -0.41 14.24 17.48
N SER A 96 -1.14 14.59 18.53
CA SER A 96 -1.19 13.74 19.70
C SER A 96 -1.87 12.44 19.22
N MSE A 97 -2.95 12.61 18.47
CA MSE A 97 -3.68 11.46 17.94
C MSE A 97 -2.87 10.79 16.83
O MSE A 97 -2.77 9.56 16.77
CB MSE A 97 -5.02 11.92 17.37
CG MSE A 97 -5.94 12.62 18.35
SE MSE A 97 -7.69 12.83 17.52
CE MSE A 97 -7.30 14.39 16.45
N ALA A 98 -2.31 11.60 15.95
CA ALA A 98 -1.55 11.10 14.82
C ALA A 98 -0.31 10.30 15.19
N ARG A 99 0.53 10.84 16.06
CA ARG A 99 1.75 10.14 16.45
C ARG A 99 1.98 9.91 17.95
N GLY A 100 1.02 10.29 18.78
CA GLY A 100 1.17 10.08 20.22
C GLY A 100 2.30 10.86 20.86
N ASN A 101 2.30 10.90 22.19
CA ASN A 101 3.34 11.62 22.93
C ASN A 101 4.09 10.74 23.93
N ALA A 102 4.89 11.41 24.77
CA ALA A 102 5.69 10.72 25.76
C ALA A 102 4.97 10.06 26.91
N SER A 103 3.72 9.61 26.70
CA SER A 103 2.93 8.95 27.75
C SER A 103 1.68 8.24 27.23
N VAL A 104 1.12 8.75 26.14
CA VAL A 104 -0.07 8.16 25.54
C VAL A 104 0.27 7.72 24.13
N PRO A 105 -0.20 6.53 23.74
CA PRO A 105 0.05 5.98 22.41
C PRO A 105 -0.72 6.70 21.31
N ALA A 106 -0.20 6.65 20.08
CA ALA A 106 -0.87 7.27 18.95
C ALA A 106 -2.04 6.37 18.55
N MSE A 107 -2.83 6.82 17.59
CA MSE A 107 -3.96 6.02 17.12
C MSE A 107 -3.46 5.04 16.05
O MSE A 107 -2.46 5.30 15.37
CB MSE A 107 -5.04 6.93 16.54
CG MSE A 107 -5.72 7.80 17.58
SE MSE A 107 -7.09 8.93 16.86
CE MSE A 107 -8.61 7.77 17.09
N GLU A 108 -4.15 3.91 15.92
CA GLU A 108 -3.77 2.89 14.95
C GLU A 108 -3.90 3.38 13.52
N MSE A 109 -3.09 2.82 12.62
CA MSE A 109 -3.14 3.20 11.22
C MSE A 109 -3.27 1.94 10.38
O MSE A 109 -2.56 0.96 10.61
CB MSE A 109 -1.89 3.96 10.83
CG MSE A 109 -0.68 3.08 10.58
SE MSE A 109 0.75 4.11 9.80
CE MSE A 109 1.07 5.25 11.34
N THR A 110 -4.18 1.94 9.42
CA THR A 110 -4.39 0.77 8.57
C THR A 110 -4.36 1.16 7.11
N LYS A 111 -4.32 0.19 6.22
CA LYS A 111 -4.28 0.43 4.78
C LYS A 111 -5.57 1.06 4.24
N TRP A 112 -5.42 2.05 3.38
CA TRP A 112 -6.55 2.76 2.77
C TRP A 112 -6.94 2.01 1.50
N PHE A 113 -8.02 1.23 1.59
CA PHE A 113 -8.48 0.44 0.47
C PHE A 113 -7.36 -0.43 -0.08
N ASP A 114 -7.22 -0.54 -1.39
CA ASP A 114 -6.16 -1.38 -1.92
C ASP A 114 -5.02 -0.55 -2.47
N THR A 115 -4.75 0.57 -1.79
CA THR A 115 -3.69 1.50 -2.17
C THR A 115 -2.49 1.35 -1.22
N ASN A 116 -1.38 1.98 -1.59
CA ASN A 116 -0.19 1.89 -0.75
C ASN A 116 -0.23 2.96 0.33
N TYR A 117 -1.41 3.55 0.56
CA TYR A 117 -1.60 4.61 1.56
C TYR A 117 -2.22 4.10 2.87
N HIS A 118 -1.87 4.75 3.99
CA HIS A 118 -2.37 4.36 5.32
C HIS A 118 -3.06 5.50 6.09
N TYR A 119 -4.28 5.24 6.54
CA TYR A 119 -5.05 6.22 7.28
C TYR A 119 -5.12 5.89 8.76
N ILE A 120 -5.58 6.85 9.57
CA ILE A 120 -5.70 6.68 11.02
C ILE A 120 -7.15 6.30 11.34
N VAL A 121 -7.34 5.09 11.87
CA VAL A 121 -8.68 4.58 12.17
C VAL A 121 -9.34 5.20 13.40
N PRO A 122 -10.55 5.76 13.22
CA PRO A 122 -11.29 6.39 14.31
C PRO A 122 -11.69 5.34 15.36
N GLU A 123 -11.68 5.72 16.62
CA GLU A 123 -12.07 4.81 17.68
C GLU A 123 -13.39 5.28 18.22
N LEU A 124 -14.46 4.67 17.72
CA LEU A 124 -15.81 5.06 18.09
C LEU A 124 -16.55 4.13 19.05
N GLY A 125 -17.50 4.72 19.76
CA GLY A 125 -18.31 3.98 20.73
C GLY A 125 -19.49 4.84 21.16
N PRO A 126 -20.43 4.30 21.95
CA PRO A 126 -21.59 5.08 22.39
C PRO A 126 -21.26 6.15 23.44
N GLU A 127 -20.02 6.17 23.90
CA GLU A 127 -19.62 7.14 24.92
C GLU A 127 -18.97 8.44 24.41
N VAL A 128 -18.60 8.49 23.13
CA VAL A 128 -17.96 9.69 22.60
C VAL A 128 -18.95 10.82 22.30
N ASN A 129 -18.55 12.03 22.70
CA ASN A 129 -19.37 13.23 22.51
C ASN A 129 -18.83 14.11 21.37
N PHE A 130 -19.34 13.86 20.17
CA PHE A 130 -18.94 14.59 18.98
C PHE A 130 -19.22 16.08 19.14
N SER A 131 -18.71 16.88 18.21
CA SER A 131 -18.89 18.33 18.20
C SER A 131 -18.07 18.93 17.07
N TYR A 132 -18.49 20.09 16.59
CA TYR A 132 -17.79 20.77 15.50
C TYR A 132 -16.53 21.36 16.11
N ALA A 133 -15.44 20.61 16.05
CA ALA A 133 -14.17 21.01 16.64
C ALA A 133 -13.02 21.34 15.67
N SER A 134 -13.33 21.52 14.39
CA SER A 134 -12.28 21.85 13.43
C SER A 134 -12.87 22.54 12.21
N HIS A 135 -12.47 23.80 12.02
CA HIS A 135 -12.96 24.60 10.89
C HIS A 135 -12.01 24.60 9.71
N LYS A 136 -11.25 23.52 9.55
CA LYS A 136 -10.27 23.43 8.47
C LYS A 136 -10.90 23.58 7.08
N ALA A 137 -12.01 22.90 6.88
CA ALA A 137 -12.72 22.92 5.61
C ALA A 137 -13.12 24.31 5.16
N VAL A 138 -13.95 24.98 5.96
CA VAL A 138 -14.41 26.31 5.60
C VAL A 138 -13.27 27.32 5.57
N ASN A 139 -12.31 27.16 6.48
CA ASN A 139 -11.14 28.02 6.54
C ASN A 139 -10.39 28.00 5.21
N GLU A 140 -10.15 26.80 4.70
CA GLU A 140 -9.44 26.64 3.43
C GLU A 140 -10.24 27.21 2.27
N TYR A 141 -11.56 27.09 2.35
CA TYR A 141 -12.41 27.60 1.29
C TYR A 141 -12.31 29.11 1.21
N LYS A 142 -12.31 29.76 2.37
CA LYS A 142 -12.21 31.21 2.39
C LYS A 142 -10.81 31.65 2.01
N GLU A 143 -9.82 30.89 2.46
CA GLU A 143 -8.40 31.17 2.16
C GLU A 143 -8.17 31.20 0.65
N ALA A 144 -8.66 30.17 -0.03
CA ALA A 144 -8.53 30.03 -1.47
C ALA A 144 -9.41 31.09 -2.15
N LYS A 145 -10.52 31.43 -1.51
CA LYS A 145 -11.43 32.42 -2.06
C LYS A 145 -10.67 33.75 -2.11
N ALA A 146 -9.99 34.08 -1.01
CA ALA A 146 -9.20 35.29 -0.91
C ALA A 146 -8.16 35.38 -2.00
N LEU A 147 -7.51 34.25 -2.29
CA LEU A 147 -6.49 34.18 -3.33
C LEU A 147 -7.12 34.34 -4.70
N GLY A 148 -8.44 34.29 -4.77
CA GLY A 148 -9.09 34.45 -6.05
C GLY A 148 -9.42 33.17 -6.78
N VAL A 149 -9.25 32.03 -6.13
CA VAL A 149 -9.59 30.77 -6.77
C VAL A 149 -10.69 30.09 -5.93
N ASP A 150 -11.88 29.98 -6.51
CA ASP A 150 -13.02 29.36 -5.84
C ASP A 150 -12.86 27.84 -5.90
N THR A 151 -13.05 27.19 -4.76
CA THR A 151 -12.86 25.76 -4.69
C THR A 151 -14.12 24.94 -4.35
N VAL A 152 -13.95 23.61 -4.43
CA VAL A 152 -15.00 22.64 -4.09
C VAL A 152 -14.55 21.92 -2.81
N PRO A 153 -15.14 22.25 -1.65
CA PRO A 153 -14.73 21.57 -0.41
C PRO A 153 -14.89 20.04 -0.49
N VAL A 154 -13.87 19.31 -0.04
CA VAL A 154 -13.92 17.84 -0.05
C VAL A 154 -14.02 17.30 1.36
N LEU A 155 -15.07 16.52 1.63
CA LEU A 155 -15.25 15.91 2.94
C LEU A 155 -15.42 14.42 2.74
N VAL A 156 -14.96 13.64 3.71
CA VAL A 156 -15.14 12.20 3.66
C VAL A 156 -16.60 11.99 4.08
N GLY A 157 -17.40 11.36 3.21
CA GLY A 157 -18.80 11.12 3.53
C GLY A 157 -19.07 10.65 4.94
N PRO A 158 -20.19 11.05 5.55
CA PRO A 158 -20.51 10.65 6.93
C PRO A 158 -20.64 9.15 7.17
N VAL A 159 -21.21 8.43 6.22
CA VAL A 159 -21.40 6.99 6.39
C VAL A 159 -20.15 6.14 6.07
N SER A 160 -19.30 6.60 5.15
CA SER A 160 -18.04 5.89 4.83
C SER A 160 -17.14 6.05 6.04
N TYR A 161 -17.16 7.25 6.60
CA TYR A 161 -16.37 7.56 7.78
C TYR A 161 -16.65 6.57 8.90
N LEU A 162 -17.93 6.28 9.15
CA LEU A 162 -18.29 5.33 10.18
C LEU A 162 -17.85 3.93 9.77
N LEU A 163 -18.10 3.56 8.52
CA LEU A 163 -17.71 2.24 8.04
C LEU A 163 -16.20 2.05 8.04
N LEU A 164 -15.44 3.13 8.04
CA LEU A 164 -13.97 3.04 8.07
C LEU A 164 -13.43 3.04 9.49
N SER A 165 -14.30 3.31 10.46
CA SER A 165 -13.93 3.36 11.87
C SER A 165 -13.98 2.02 12.58
N LYS A 166 -13.60 2.01 13.86
CA LYS A 166 -13.64 0.79 14.66
C LYS A 166 -13.93 1.16 16.11
N ALA A 167 -14.82 0.40 16.74
CA ALA A 167 -15.21 0.65 18.13
C ALA A 167 -14.01 0.67 19.05
N ALA A 168 -13.97 1.64 19.96
CA ALA A 168 -12.86 1.75 20.89
C ALA A 168 -12.94 0.62 21.93
N LYS A 169 -11.86 0.44 22.70
CA LYS A 169 -11.84 -0.61 23.72
C LYS A 169 -13.04 -0.56 24.64
N GLY A 170 -13.61 -1.73 24.92
CA GLY A 170 -14.77 -1.78 25.82
C GLY A 170 -16.09 -1.85 25.10
N VAL A 171 -16.23 -1.07 24.05
CA VAL A 171 -17.47 -1.06 23.27
C VAL A 171 -17.83 -2.50 22.93
N ASP A 172 -18.74 -3.06 23.71
CA ASP A 172 -19.19 -4.43 23.53
C ASP A 172 -19.25 -4.90 22.08
N LYS A 173 -19.36 -6.21 21.95
CA LYS A 173 -19.43 -6.91 20.66
C LYS A 173 -20.65 -6.60 19.82
N SER A 174 -21.78 -6.38 20.50
CA SER A 174 -23.05 -6.11 19.82
C SER A 174 -23.16 -4.73 19.18
N PHE A 175 -22.29 -3.81 19.58
CA PHE A 175 -22.32 -2.46 19.03
C PHE A 175 -22.20 -2.46 17.50
N GLU A 176 -23.00 -1.61 16.88
CA GLU A 176 -23.02 -1.48 15.44
C GLU A 176 -22.63 -0.03 15.16
N LEU A 177 -21.44 0.18 14.61
CA LEU A 177 -20.92 1.53 14.32
C LEU A 177 -21.87 2.53 13.66
N LEU A 178 -22.63 2.07 12.65
CA LEU A 178 -23.55 2.93 11.93
C LEU A 178 -24.64 3.57 12.81
N SER A 179 -24.67 3.17 14.08
CA SER A 179 -25.66 3.69 15.03
C SER A 179 -25.27 5.09 15.52
N LEU A 180 -24.19 5.62 14.96
CA LEU A 180 -23.71 6.93 15.36
C LEU A 180 -24.11 8.03 14.36
N LEU A 181 -24.66 7.64 13.20
CA LEU A 181 -25.08 8.60 12.18
C LEU A 181 -25.86 9.77 12.77
N PRO A 182 -26.78 9.49 13.70
CA PRO A 182 -27.55 10.57 14.30
C PRO A 182 -26.69 11.59 15.04
N LYS A 183 -25.53 11.17 15.51
CA LYS A 183 -24.66 12.05 16.26
C LYS A 183 -23.71 12.89 15.41
N ILE A 184 -23.30 12.36 14.26
CA ILE A 184 -22.38 13.08 13.40
C ILE A 184 -23.05 13.89 12.30
N LEU A 185 -24.26 13.50 11.89
CA LEU A 185 -25.00 14.22 10.86
C LEU A 185 -25.24 15.69 11.24
N PRO A 186 -25.59 15.95 12.51
CA PRO A 186 -25.80 17.33 12.94
C PRO A 186 -24.60 18.23 12.65
N ILE A 187 -23.40 17.68 12.83
CA ILE A 187 -22.14 18.40 12.61
C ILE A 187 -21.84 18.58 11.12
N TYR A 188 -22.22 17.59 10.31
CA TYR A 188 -21.99 17.70 8.89
C TYR A 188 -22.86 18.84 8.37
N LYS A 189 -23.98 19.09 9.02
CA LYS A 189 -24.88 20.15 8.59
C LYS A 189 -24.31 21.53 8.95
N GLU A 190 -23.74 21.64 10.14
CA GLU A 190 -23.14 22.89 10.61
C GLU A 190 -22.00 23.31 9.69
N VAL A 191 -21.28 22.31 9.21
CA VAL A 191 -20.17 22.55 8.30
C VAL A 191 -20.71 22.97 6.93
N ILE A 192 -21.63 22.19 6.38
CA ILE A 192 -22.20 22.50 5.08
C ILE A 192 -22.82 23.89 5.06
N THR A 193 -23.48 24.26 6.14
CA THR A 193 -24.12 25.56 6.28
C THR A 193 -23.11 26.71 6.20
N GLU A 194 -22.02 26.59 6.97
CA GLU A 194 -20.98 27.62 6.95
C GLU A 194 -20.36 27.71 5.56
N LEU A 195 -20.21 26.55 4.92
CA LEU A 195 -19.64 26.52 3.59
C LEU A 195 -20.48 27.32 2.60
N LYS A 196 -21.80 27.19 2.72
CA LYS A 196 -22.72 27.91 1.85
C LYS A 196 -22.59 29.40 2.14
N ALA A 197 -22.64 29.73 3.43
CA ALA A 197 -22.51 31.10 3.86
C ALA A 197 -21.26 31.77 3.28
N ALA A 198 -20.20 30.98 3.09
CA ALA A 198 -18.95 31.50 2.55
C ALA A 198 -19.04 31.73 1.04
N GLY A 199 -20.07 31.17 0.41
CA GLY A 199 -20.21 31.35 -1.01
C GLY A 199 -19.90 30.12 -1.81
N ALA A 200 -19.77 28.98 -1.12
CA ALA A 200 -19.49 27.72 -1.79
C ALA A 200 -20.75 27.31 -2.52
N THR A 201 -20.64 26.90 -3.78
CA THR A 201 -21.80 26.49 -4.55
C THR A 201 -21.74 25.04 -5.02
N TRP A 202 -20.60 24.42 -4.75
CA TRP A 202 -20.36 23.02 -5.07
C TRP A 202 -19.67 22.41 -3.86
N ILE A 203 -19.94 21.15 -3.61
CA ILE A 203 -19.35 20.45 -2.48
C ILE A 203 -19.03 19.02 -2.95
N GLN A 204 -18.00 18.40 -2.38
CA GLN A 204 -17.65 17.04 -2.75
C GLN A 204 -17.64 16.11 -1.53
N LEU A 205 -18.46 15.05 -1.60
CA LEU A 205 -18.53 14.05 -0.52
C LEU A 205 -17.90 12.73 -1.00
N ASP A 206 -16.79 12.36 -0.38
CA ASP A 206 -16.07 11.14 -0.74
C ASP A 206 -16.69 9.93 -0.05
N GLU A 207 -17.39 9.11 -0.82
CA GLU A 207 -18.04 7.89 -0.29
C GLU A 207 -17.47 6.66 -1.01
N PRO A 208 -16.15 6.41 -0.92
CA PRO A 208 -15.55 5.25 -1.59
C PRO A 208 -15.99 3.87 -1.13
N VAL A 209 -16.54 3.77 0.09
CA VAL A 209 -16.98 2.48 0.59
C VAL A 209 -18.07 1.88 -0.28
N LEU A 210 -18.71 2.71 -1.09
CA LEU A 210 -19.77 2.25 -1.98
C LEU A 210 -19.23 1.35 -3.08
N VAL A 211 -17.92 1.27 -3.21
CA VAL A 211 -17.34 0.40 -4.21
C VAL A 211 -17.04 -0.96 -3.59
N MSE A 212 -17.28 -1.07 -2.28
CA MSE A 212 -17.04 -2.31 -1.55
C MSE A 212 -18.23 -3.24 -1.70
O MSE A 212 -19.24 -2.88 -2.29
CB MSE A 212 -16.81 -2.01 -0.07
CG MSE A 212 -15.59 -1.15 0.18
SE MSE A 212 -13.96 -2.04 -0.36
CE MSE A 212 -14.04 -1.74 -2.24
N ASP A 213 -18.11 -4.45 -1.16
CA ASP A 213 -19.21 -5.40 -1.21
C ASP A 213 -20.02 -5.11 0.04
N LEU A 214 -21.12 -4.40 -0.16
CA LEU A 214 -22.00 -3.97 0.91
C LEU A 214 -23.34 -4.67 0.94
N GLU A 215 -23.74 -5.12 2.13
CA GLU A 215 -25.02 -5.79 2.31
C GLU A 215 -26.13 -4.72 2.16
N GLY A 216 -27.37 -5.16 1.93
CA GLY A 216 -28.47 -4.22 1.76
C GLY A 216 -28.78 -3.32 2.94
N GLN A 217 -28.57 -3.83 4.15
CA GLN A 217 -28.83 -3.03 5.35
C GLN A 217 -27.87 -1.86 5.43
N LYS A 218 -26.65 -2.05 4.93
CA LYS A 218 -25.64 -0.99 4.95
C LYS A 218 -25.90 0.04 3.85
N LEU A 219 -26.24 -0.43 2.66
CA LEU A 219 -26.53 0.49 1.57
C LEU A 219 -27.65 1.43 1.99
N GLN A 220 -28.66 0.88 2.64
CA GLN A 220 -29.80 1.67 3.10
C GLN A 220 -29.37 2.80 4.04
N ALA A 221 -28.29 2.58 4.79
CA ALA A 221 -27.79 3.58 5.74
C ALA A 221 -27.37 4.87 5.03
N PHE A 222 -26.96 4.71 3.77
CA PHE A 222 -26.57 5.85 2.94
C PHE A 222 -27.82 6.61 2.61
N THR A 223 -28.80 5.90 2.08
CA THR A 223 -30.09 6.47 1.69
C THR A 223 -30.64 7.35 2.82
N GLY A 224 -30.79 6.74 4.00
CA GLY A 224 -31.30 7.47 5.14
C GLY A 224 -30.49 8.68 5.50
N ALA A 225 -29.17 8.61 5.29
CA ALA A 225 -28.30 9.72 5.61
C ALA A 225 -28.44 10.87 4.62
N TYR A 226 -28.45 10.54 3.33
CA TYR A 226 -28.56 11.55 2.30
C TYR A 226 -30.00 12.01 2.06
N ALA A 227 -30.88 11.77 3.01
CA ALA A 227 -32.25 12.21 2.88
C ALA A 227 -32.37 13.11 4.11
N GLU A 228 -31.61 12.73 5.12
CA GLU A 228 -31.57 13.44 6.37
C GLU A 228 -30.73 14.71 6.20
N LEU A 229 -29.95 14.74 5.13
CA LEU A 229 -29.07 15.87 4.84
C LEU A 229 -29.64 16.80 3.75
N GLU A 230 -30.55 16.26 2.94
CA GLU A 230 -31.17 16.96 1.82
C GLU A 230 -31.49 18.45 1.99
N SER A 231 -32.29 18.79 2.99
CA SER A 231 -32.65 20.18 3.19
C SER A 231 -31.43 21.08 3.34
N THR A 232 -30.37 20.58 3.95
CA THR A 232 -29.16 21.37 4.13
C THR A 232 -28.37 21.52 2.83
N LEU A 233 -28.40 20.49 1.99
CA LEU A 233 -27.70 20.49 0.71
C LEU A 233 -28.44 21.34 -0.30
N SER A 234 -29.49 21.99 0.18
CA SER A 234 -30.32 22.83 -0.66
C SER A 234 -29.56 23.99 -1.30
N GLY A 235 -29.77 24.16 -2.60
CA GLY A 235 -29.11 25.22 -3.33
C GLY A 235 -27.62 24.97 -3.29
N LEU A 236 -27.23 23.80 -3.76
CA LEU A 236 -25.84 23.42 -3.74
C LEU A 236 -25.66 22.23 -4.64
N ASN A 237 -24.66 22.28 -5.49
CA ASN A 237 -24.39 21.14 -6.35
C ASN A 237 -23.57 20.19 -5.49
N VAL A 238 -24.09 18.99 -5.32
CA VAL A 238 -23.42 17.99 -4.49
C VAL A 238 -22.91 16.83 -5.32
N LEU A 239 -21.60 16.64 -5.27
CA LEU A 239 -20.91 15.57 -6.00
C LEU A 239 -20.48 14.49 -5.02
N VAL A 240 -20.93 13.25 -5.24
CA VAL A 240 -20.54 12.12 -4.39
C VAL A 240 -19.50 11.30 -5.18
N GLU A 241 -18.30 11.19 -4.62
CA GLU A 241 -17.19 10.45 -5.26
C GLU A 241 -17.04 8.98 -4.82
N THR A 242 -16.48 8.19 -5.73
CA THR A 242 -16.23 6.78 -5.51
C THR A 242 -15.00 6.46 -6.35
N TYR A 243 -14.12 5.59 -5.85
CA TYR A 243 -12.92 5.24 -6.60
C TYR A 243 -12.26 3.95 -6.13
N PHE A 244 -11.36 3.44 -6.96
CA PHE A 244 -10.58 2.22 -6.71
C PHE A 244 -11.18 0.96 -7.30
N ALA A 245 -12.46 1.03 -7.64
CA ALA A 245 -13.17 -0.11 -8.22
C ALA A 245 -14.52 0.30 -8.81
N ASP A 246 -15.21 -0.65 -9.42
CA ASP A 246 -16.52 -0.39 -9.99
C ASP A 246 -17.58 -0.44 -8.87
N ILE A 247 -18.75 0.14 -9.13
CA ILE A 247 -19.83 0.13 -8.13
C ILE A 247 -20.79 -1.03 -8.38
N PRO A 248 -20.94 -1.93 -7.39
CA PRO A 248 -21.86 -3.08 -7.51
C PRO A 248 -23.24 -2.59 -7.93
N ALA A 249 -23.97 -3.42 -8.68
CA ALA A 249 -25.31 -3.05 -9.18
C ALA A 249 -26.28 -2.51 -8.13
N GLU A 250 -26.43 -3.22 -7.00
CA GLU A 250 -27.33 -2.75 -5.97
C GLU A 250 -26.81 -1.44 -5.41
N ALA A 251 -25.49 -1.32 -5.34
CA ALA A 251 -24.84 -0.12 -4.84
C ALA A 251 -25.12 1.03 -5.79
N TYR A 252 -25.08 0.75 -7.09
CA TYR A 252 -25.35 1.77 -8.11
C TYR A 252 -26.77 2.32 -8.01
N LYS A 253 -27.73 1.46 -7.62
CA LYS A 253 -29.13 1.87 -7.47
C LYS A 253 -29.28 2.89 -6.35
N THR A 254 -28.70 2.56 -5.20
CA THR A 254 -28.72 3.43 -4.02
C THR A 254 -28.07 4.76 -4.33
N LEU A 255 -26.83 4.68 -4.78
CA LEU A 255 -26.03 5.85 -5.10
C LEU A 255 -26.76 6.83 -6.01
N THR A 256 -27.14 6.37 -7.20
CA THR A 256 -27.82 7.24 -8.16
C THR A 256 -29.20 7.76 -7.78
N SER A 257 -29.65 7.50 -6.56
CA SER A 257 -30.95 7.99 -6.12
C SER A 257 -30.89 8.54 -4.70
N LEU A 258 -29.75 9.13 -4.36
CA LEU A 258 -29.54 9.73 -3.05
C LEU A 258 -30.07 11.16 -3.14
N LYS A 259 -30.75 11.63 -2.09
CA LYS A 259 -31.30 12.99 -2.11
C LYS A 259 -30.20 14.04 -1.97
N GLY A 260 -30.40 15.20 -2.61
CA GLY A 260 -29.43 16.28 -2.52
C GLY A 260 -28.27 16.14 -3.50
N VAL A 261 -27.92 14.91 -3.82
CA VAL A 261 -26.82 14.65 -4.73
C VAL A 261 -27.21 15.03 -6.15
N THR A 262 -26.31 15.73 -6.84
CA THR A 262 -26.56 16.18 -8.21
C THR A 262 -25.49 15.72 -9.19
N ALA A 263 -24.40 15.18 -8.67
CA ALA A 263 -23.30 14.70 -9.51
C ALA A 263 -22.74 13.39 -8.96
N PHE A 264 -22.17 12.59 -9.85
CA PHE A 264 -21.62 11.28 -9.47
C PHE A 264 -20.23 11.05 -10.05
N GLY A 265 -19.27 10.76 -9.17
CA GLY A 265 -17.90 10.52 -9.60
C GLY A 265 -17.59 9.04 -9.73
N PHE A 266 -17.10 8.63 -10.90
CA PHE A 266 -16.79 7.23 -11.16
C PHE A 266 -15.35 6.99 -11.58
N ASP A 267 -14.76 5.94 -11.02
CA ASP A 267 -13.40 5.54 -11.34
C ASP A 267 -13.56 4.74 -12.63
N LEU A 268 -13.01 5.24 -13.74
CA LEU A 268 -13.17 4.56 -15.01
C LEU A 268 -11.87 4.04 -15.57
N VAL A 269 -10.96 3.76 -14.66
CA VAL A 269 -9.65 3.22 -14.98
C VAL A 269 -9.65 1.88 -14.26
N ARG A 270 -10.06 1.91 -13.00
CA ARG A 270 -10.11 0.71 -12.15
C ARG A 270 -11.52 0.19 -11.92
N GLY A 271 -12.51 0.83 -12.53
CA GLY A 271 -13.88 0.37 -12.34
C GLY A 271 -14.75 0.72 -13.52
N THR A 272 -14.23 0.44 -14.72
CA THR A 272 -14.93 0.72 -15.95
C THR A 272 -16.16 -0.15 -16.05
N LYS A 273 -16.19 -1.21 -15.26
CA LYS A 273 -17.32 -2.12 -15.26
C LYS A 273 -18.61 -1.37 -14.93
N THR A 274 -18.45 -0.19 -14.34
CA THR A 274 -19.60 0.63 -13.97
C THR A 274 -20.29 1.19 -15.20
N LEU A 275 -19.53 1.28 -16.30
CA LEU A 275 -20.05 1.80 -17.56
C LEU A 275 -21.34 1.11 -18.02
N ASP A 276 -21.37 -0.22 -17.94
CA ASP A 276 -22.55 -0.96 -18.36
C ASP A 276 -23.80 -0.57 -17.58
N LEU A 277 -23.63 -0.30 -16.29
CA LEU A 277 -24.76 0.10 -15.45
C LEU A 277 -25.22 1.49 -15.88
N VAL A 278 -24.27 2.31 -16.31
CA VAL A 278 -24.54 3.68 -16.74
C VAL A 278 -25.37 3.70 -18.02
N LYS A 279 -25.02 2.82 -18.96
CA LYS A 279 -25.72 2.73 -20.24
C LYS A 279 -27.14 2.20 -20.02
N ALA A 280 -27.27 1.20 -19.16
CA ALA A 280 -28.57 0.62 -18.85
C ALA A 280 -29.49 1.72 -18.34
N GLY A 281 -28.96 2.63 -17.55
CA GLY A 281 -29.77 3.72 -17.01
C GLY A 281 -29.01 4.65 -16.08
N PHE A 282 -29.17 5.95 -16.32
CA PHE A 282 -28.53 7.00 -15.53
C PHE A 282 -29.61 8.06 -15.26
N PRO A 283 -29.56 8.74 -14.10
CA PRO A 283 -30.54 9.77 -13.76
C PRO A 283 -30.75 10.81 -14.87
N GLU A 284 -31.68 11.73 -14.66
CA GLU A 284 -32.01 12.78 -15.63
C GLU A 284 -30.91 13.80 -15.92
N GLY A 285 -31.04 14.99 -15.36
CA GLY A 285 -30.04 16.01 -15.57
C GLY A 285 -29.02 16.02 -14.44
N LYS A 286 -28.32 14.90 -14.29
CA LYS A 286 -27.31 14.76 -13.27
C LYS A 286 -25.96 14.79 -13.96
N TYR A 287 -24.95 15.33 -13.29
CA TYR A 287 -23.63 15.38 -13.88
C TYR A 287 -22.92 14.05 -13.69
N LEU A 288 -22.01 13.74 -14.60
CA LEU A 288 -21.22 12.54 -14.51
C LEU A 288 -19.76 13.00 -14.60
N PHE A 289 -19.00 12.72 -13.56
CA PHE A 289 -17.59 13.06 -13.50
C PHE A 289 -16.82 11.79 -13.91
N ALA A 290 -16.36 11.75 -15.15
CA ALA A 290 -15.63 10.61 -15.67
C ALA A 290 -14.15 10.57 -15.30
N GLY A 291 -13.80 9.70 -14.36
CA GLY A 291 -12.42 9.58 -13.95
C GLY A 291 -11.60 8.69 -14.87
N VAL A 292 -11.20 9.24 -16.01
CA VAL A 292 -10.42 8.50 -17.01
C VAL A 292 -8.91 8.70 -16.90
N VAL A 293 -8.47 9.76 -16.24
CA VAL A 293 -7.05 9.98 -16.09
C VAL A 293 -6.61 9.27 -14.82
N ASP A 294 -5.82 8.21 -14.99
CA ASP A 294 -5.32 7.41 -13.89
C ASP A 294 -4.61 8.23 -12.80
N GLY A 295 -5.14 8.23 -11.58
CA GLY A 295 -4.52 8.97 -10.51
C GLY A 295 -3.79 8.03 -9.58
N ARG A 296 -3.57 6.82 -10.06
CA ARG A 296 -2.93 5.75 -9.28
C ARG A 296 -1.59 5.30 -9.87
N ASN A 297 -1.32 5.68 -11.12
CA ASN A 297 -0.08 5.27 -11.76
C ASN A 297 0.75 6.44 -12.25
N ILE A 298 1.75 6.12 -13.05
CA ILE A 298 2.71 7.09 -13.56
C ILE A 298 2.78 7.25 -15.08
N TRP A 299 1.91 6.57 -15.81
CA TRP A 299 1.94 6.64 -17.27
C TRP A 299 1.13 7.77 -17.86
N ALA A 300 1.56 8.22 -19.03
CA ALA A 300 0.87 9.29 -19.74
C ALA A 300 -0.45 8.74 -20.28
N ASN A 301 -1.51 9.53 -20.19
CA ASN A 301 -2.81 9.08 -20.66
C ASN A 301 -2.90 8.83 -22.18
N ASP A 302 -3.89 8.06 -22.59
CA ASP A 302 -4.13 7.74 -23.99
C ASP A 302 -5.24 8.69 -24.41
N PHE A 303 -4.87 9.95 -24.64
CA PHE A 303 -5.85 10.95 -25.04
C PHE A 303 -6.85 10.41 -26.04
N ALA A 304 -6.33 9.72 -27.06
CA ALA A 304 -7.18 9.15 -28.11
C ALA A 304 -8.32 8.26 -27.58
N ALA A 305 -7.96 7.24 -26.80
CA ALA A 305 -8.94 6.33 -26.23
C ALA A 305 -9.88 7.07 -25.30
N SER A 306 -9.30 7.84 -24.37
CA SER A 306 -10.08 8.62 -23.41
C SER A 306 -11.14 9.44 -24.13
N LEU A 307 -10.76 10.02 -25.27
CA LEU A 307 -11.68 10.84 -26.03
C LEU A 307 -12.85 10.03 -26.54
N SER A 308 -12.56 8.91 -27.18
CA SER A 308 -13.61 8.04 -27.71
C SER A 308 -14.62 7.72 -26.60
N THR A 309 -14.10 7.47 -25.41
CA THR A 309 -14.92 7.14 -24.25
C THR A 309 -15.78 8.34 -23.85
N LEU A 310 -15.12 9.44 -23.50
CA LEU A 310 -15.81 10.66 -23.08
C LEU A 310 -16.89 11.08 -24.05
N GLN A 311 -16.63 10.86 -25.34
CA GLN A 311 -17.59 11.22 -26.36
C GLN A 311 -18.81 10.31 -26.29
N ALA A 312 -18.58 9.02 -26.14
CA ALA A 312 -19.68 8.08 -26.03
C ALA A 312 -20.54 8.46 -24.82
N LEU A 313 -19.89 8.94 -23.77
CA LEU A 313 -20.58 9.35 -22.55
C LEU A 313 -21.36 10.63 -22.78
N GLU A 314 -20.84 11.50 -23.65
CA GLU A 314 -21.54 12.73 -23.96
C GLU A 314 -22.85 12.28 -24.60
N GLY A 315 -22.84 11.07 -25.14
CA GLY A 315 -24.03 10.54 -25.77
C GLY A 315 -25.09 10.34 -24.72
N ILE A 316 -24.72 9.71 -23.61
CA ILE A 316 -25.65 9.45 -22.53
C ILE A 316 -26.17 10.75 -21.91
N VAL A 317 -25.38 11.82 -21.99
CA VAL A 317 -25.79 13.13 -21.48
C VAL A 317 -25.17 14.19 -22.39
N GLY A 318 -23.98 14.66 -22.01
CA GLY A 318 -23.27 15.64 -22.81
C GLY A 318 -23.83 17.05 -22.77
N LYS A 319 -25.07 17.16 -22.30
CA LYS A 319 -25.80 18.44 -22.19
C LYS A 319 -25.08 19.35 -21.21
N ASP A 320 -23.75 19.30 -21.24
CA ASP A 320 -22.90 20.08 -20.37
C ASP A 320 -23.05 19.47 -18.97
N LYS A 321 -23.25 18.16 -18.95
CA LYS A 321 -23.40 17.41 -17.70
C LYS A 321 -22.20 16.50 -17.49
N LEU A 322 -21.44 16.29 -18.57
CA LEU A 322 -20.25 15.44 -18.55
C LEU A 322 -19.04 16.30 -18.11
N VAL A 323 -18.29 15.83 -17.10
CA VAL A 323 -17.12 16.53 -16.58
C VAL A 323 -15.89 15.61 -16.57
N VAL A 324 -14.80 16.01 -17.24
CA VAL A 324 -13.61 15.18 -17.28
C VAL A 324 -12.99 15.22 -15.89
N SER A 325 -12.51 14.07 -15.41
CA SER A 325 -11.96 13.98 -14.07
C SER A 325 -10.86 12.93 -13.94
N THR A 326 -10.28 12.82 -12.75
CA THR A 326 -9.24 11.84 -12.45
C THR A 326 -9.92 10.61 -11.82
N SER A 327 -9.37 9.42 -12.05
CA SER A 327 -9.93 8.18 -11.50
C SER A 327 -9.95 8.18 -9.97
N CYS A 328 -9.03 8.92 -9.37
CA CYS A 328 -8.95 9.01 -7.91
C CYS A 328 -8.03 10.16 -7.55
N SER A 329 -7.89 10.41 -6.26
CA SER A 329 -7.01 11.47 -5.77
C SER A 329 -5.59 11.26 -6.30
N LEU A 330 -4.97 12.33 -6.75
CA LEU A 330 -3.61 12.25 -7.26
C LEU A 330 -2.65 12.09 -6.08
N LEU A 331 -3.24 11.92 -4.90
CA LEU A 331 -2.49 11.72 -3.67
C LEU A 331 -1.66 10.46 -3.90
N HIS A 332 -2.24 9.55 -4.68
CA HIS A 332 -1.63 8.26 -4.96
C HIS A 332 -0.64 8.18 -6.12
N THR A 333 -0.07 9.30 -6.52
CA THR A 333 0.91 9.33 -7.59
C THR A 333 1.94 10.39 -7.24
N ALA A 334 3.05 10.47 -7.99
CA ALA A 334 4.11 11.46 -7.72
C ALA A 334 3.69 12.86 -8.15
N VAL A 335 4.31 13.87 -7.54
CA VAL A 335 3.98 15.28 -7.81
C VAL A 335 4.24 15.87 -9.20
N ASP A 336 5.50 16.00 -9.63
CA ASP A 336 5.81 16.59 -10.94
C ASP A 336 6.91 15.86 -11.72
N LEU A 337 6.60 15.49 -12.95
CA LEU A 337 7.55 14.79 -13.80
C LEU A 337 8.64 15.73 -14.30
N ILE A 338 8.49 17.03 -14.03
CA ILE A 338 9.47 18.00 -14.48
C ILE A 338 10.77 17.90 -13.69
N ASN A 339 10.70 17.31 -12.49
CA ASN A 339 11.88 17.16 -11.65
C ASN A 339 12.65 15.87 -11.90
N GLU A 340 12.35 15.22 -13.02
CA GLU A 340 13.04 14.00 -13.42
C GLU A 340 14.08 14.41 -14.46
N THR A 341 15.28 14.66 -13.98
CA THR A 341 16.38 15.10 -14.83
C THR A 341 17.27 14.00 -15.42
N LYS A 342 17.19 12.80 -14.85
CA LYS A 342 18.02 11.69 -15.32
C LYS A 342 17.34 10.81 -16.35
N LEU A 343 16.13 10.35 -16.07
CA LEU A 343 15.42 9.50 -17.02
C LEU A 343 15.53 10.06 -18.44
N ASP A 344 15.73 9.18 -19.42
CA ASP A 344 15.88 9.61 -20.79
C ASP A 344 14.58 10.08 -21.44
N ASP A 345 14.68 11.14 -22.22
CA ASP A 345 13.55 11.72 -22.93
C ASP A 345 12.53 10.69 -23.36
N GLU A 346 12.98 9.68 -24.10
CA GLU A 346 12.06 8.66 -24.59
C GLU A 346 11.17 8.03 -23.52
N ILE A 347 11.75 7.70 -22.37
CA ILE A 347 10.96 7.08 -21.32
C ILE A 347 10.02 8.10 -20.68
N LYS A 348 10.53 9.29 -20.37
CA LYS A 348 9.74 10.35 -19.76
C LYS A 348 8.50 10.68 -20.59
N SER A 349 8.62 10.60 -21.91
CA SER A 349 7.49 10.90 -22.77
C SER A 349 6.37 9.89 -22.59
N TRP A 350 6.69 8.78 -21.92
CA TRP A 350 5.73 7.73 -21.67
C TRP A 350 5.09 7.90 -20.30
N MSE A 351 5.62 8.82 -19.52
CA MSE A 351 5.13 9.08 -18.17
C MSE A 351 4.36 10.39 -17.97
O MSE A 351 4.29 11.25 -18.86
CB MSE A 351 6.30 9.04 -17.20
CG MSE A 351 7.06 7.74 -17.22
SE MSE A 351 8.70 7.92 -16.27
CE MSE A 351 8.12 7.53 -14.48
N ALA A 352 3.79 10.54 -16.78
CA ALA A 352 3.02 11.72 -16.41
C ALA A 352 2.78 11.63 -14.91
N PHE A 353 3.06 12.72 -14.20
CA PHE A 353 2.84 12.76 -12.77
C PHE A 353 1.63 13.64 -12.48
N ALA A 354 1.36 13.92 -11.20
CA ALA A 354 0.22 14.72 -10.81
C ALA A 354 0.03 16.00 -11.63
N ALA A 355 1.03 16.88 -11.61
CA ALA A 355 0.97 18.14 -12.35
C ALA A 355 0.65 17.93 -13.83
N GLN A 356 1.17 16.86 -14.40
CA GLN A 356 0.91 16.57 -15.81
C GLN A 356 -0.51 16.04 -16.00
N LYS A 357 -1.04 15.38 -14.98
CA LYS A 357 -2.37 14.81 -15.05
C LYS A 357 -3.43 15.89 -14.97
N VAL A 358 -3.13 16.97 -14.25
CA VAL A 358 -4.06 18.10 -14.13
C VAL A 358 -4.25 18.69 -15.53
N VAL A 359 -3.15 18.70 -16.29
CA VAL A 359 -3.16 19.25 -17.64
C VAL A 359 -3.91 18.35 -18.62
N GLU A 360 -3.65 17.04 -18.52
CA GLU A 360 -4.32 16.07 -19.38
C GLU A 360 -5.82 16.25 -19.26
N VAL A 361 -6.31 16.23 -18.02
CA VAL A 361 -7.73 16.41 -17.75
C VAL A 361 -8.26 17.63 -18.48
N ASN A 362 -7.47 18.71 -18.49
CA ASN A 362 -7.89 19.94 -19.14
C ASN A 362 -7.79 19.92 -20.66
N ALA A 363 -6.82 19.20 -21.20
CA ALA A 363 -6.70 19.11 -22.65
C ALA A 363 -7.90 18.33 -23.19
N LEU A 364 -8.23 17.25 -22.49
CA LEU A 364 -9.34 16.38 -22.86
C LEU A 364 -10.65 17.14 -22.76
N ALA A 365 -10.75 18.02 -21.77
CA ALA A 365 -11.96 18.81 -21.59
C ALA A 365 -12.14 19.77 -22.77
N LYS A 366 -11.03 20.42 -23.15
CA LYS A 366 -11.02 21.36 -24.26
C LYS A 366 -11.39 20.68 -25.57
N ALA A 367 -10.80 19.50 -25.81
CA ALA A 367 -11.09 18.74 -27.02
C ALA A 367 -12.59 18.48 -27.19
N LEU A 368 -13.29 18.24 -26.08
CA LEU A 368 -14.74 17.99 -26.12
C LEU A 368 -15.50 19.29 -26.33
N ALA A 369 -14.86 20.40 -26.00
CA ALA A 369 -15.48 21.71 -26.16
C ALA A 369 -15.27 22.22 -27.58
N GLY A 370 -14.46 21.50 -28.34
CA GLY A 370 -14.19 21.87 -29.71
C GLY A 370 -12.94 22.72 -29.86
N GLN A 371 -12.03 22.61 -28.90
CA GLN A 371 -10.79 23.37 -28.93
C GLN A 371 -9.62 22.44 -28.69
N LYS A 372 -9.60 21.34 -29.42
CA LYS A 372 -8.54 20.35 -29.29
C LYS A 372 -7.16 20.94 -29.61
N ASP A 373 -6.28 20.97 -28.61
CA ASP A 373 -4.92 21.49 -28.81
C ASP A 373 -4.19 20.44 -29.63
N GLU A 374 -4.28 20.57 -30.95
CA GLU A 374 -3.67 19.63 -31.87
C GLU A 374 -2.21 19.26 -31.58
N ALA A 375 -1.42 20.22 -31.09
CA ALA A 375 -0.02 19.98 -30.79
C ALA A 375 0.19 19.04 -29.61
N LEU A 376 -0.78 19.03 -28.69
CA LEU A 376 -0.73 18.18 -27.50
C LEU A 376 -1.01 16.71 -27.84
N PHE A 377 -2.10 16.48 -28.55
CA PHE A 377 -2.48 15.14 -28.94
C PHE A 377 -1.47 14.45 -29.87
N SER A 378 -0.73 15.26 -30.65
CA SER A 378 0.28 14.73 -31.57
C SER A 378 1.51 14.20 -30.84
N ALA A 379 1.92 14.89 -29.79
CA ALA A 379 3.07 14.44 -29.00
C ALA A 379 2.64 13.16 -28.28
N ASN A 380 1.41 13.17 -27.81
CA ASN A 380 0.83 12.03 -27.09
C ASN A 380 0.87 10.80 -27.99
N ALA A 381 0.21 10.89 -29.13
CA ALA A 381 0.16 9.79 -30.09
C ALA A 381 1.58 9.31 -30.42
N ALA A 382 2.49 10.25 -30.61
CA ALA A 382 3.87 9.92 -30.94
C ALA A 382 4.53 9.18 -29.78
N ALA A 383 4.31 9.64 -28.56
CA ALA A 383 4.90 8.99 -27.39
C ALA A 383 4.26 7.60 -27.23
N LEU A 384 2.98 7.49 -27.54
CA LEU A 384 2.29 6.20 -27.44
C LEU A 384 2.84 5.24 -28.48
N ALA A 385 3.05 5.75 -29.68
CA ALA A 385 3.58 4.95 -30.78
C ALA A 385 4.96 4.37 -30.43
N SER A 386 5.87 5.23 -30.03
CA SER A 386 7.22 4.83 -29.66
C SER A 386 7.23 3.81 -28.53
N ARG A 387 6.22 3.87 -27.66
CA ARG A 387 6.14 2.94 -26.53
C ARG A 387 5.70 1.56 -27.03
N ARG A 388 4.77 1.54 -27.96
CA ARG A 388 4.24 0.30 -28.50
C ARG A 388 5.15 -0.29 -29.58
N SER A 389 6.19 0.45 -29.95
CA SER A 389 7.12 -0.02 -30.96
C SER A 389 8.46 -0.40 -30.31
N SER A 390 8.94 0.47 -29.43
CA SER A 390 10.21 0.26 -28.74
C SER A 390 10.52 -1.18 -28.31
N PRO A 391 11.74 -1.64 -28.63
CA PRO A 391 12.19 -2.99 -28.28
C PRO A 391 12.80 -2.96 -26.88
N ARG A 392 12.53 -1.88 -26.14
CA ARG A 392 13.00 -1.75 -24.77
C ARG A 392 11.86 -2.28 -23.94
N VAL A 393 10.69 -2.34 -24.58
CA VAL A 393 9.47 -2.83 -23.96
C VAL A 393 9.28 -4.32 -24.30
N THR A 394 8.63 -4.60 -25.42
CA THR A 394 8.39 -5.99 -25.84
C THR A 394 9.72 -6.72 -26.08
N ASN A 395 9.78 -8.00 -25.72
CA ASN A 395 10.99 -8.80 -25.87
C ASN A 395 10.71 -10.31 -25.94
N GLU A 396 11.75 -11.08 -26.29
CA GLU A 396 11.64 -12.53 -26.39
C GLU A 396 11.42 -13.21 -25.05
N GLY A 397 11.52 -12.44 -23.98
CA GLY A 397 11.27 -12.95 -22.65
C GLY A 397 9.78 -13.24 -22.75
N VAL A 398 9.16 -12.60 -23.74
CA VAL A 398 7.73 -12.75 -24.00
C VAL A 398 7.36 -14.11 -24.55
N GLN A 399 8.36 -14.89 -24.93
CA GLN A 399 8.12 -16.23 -25.45
C GLN A 399 8.40 -17.24 -24.34
N LYS A 400 9.47 -16.98 -23.59
CA LYS A 400 9.84 -17.83 -22.46
C LYS A 400 8.60 -17.95 -21.58
N ALA A 401 7.83 -16.86 -21.52
CA ALA A 401 6.61 -16.79 -20.73
C ALA A 401 5.47 -17.50 -21.46
N ALA A 402 5.57 -17.55 -22.77
CA ALA A 402 4.57 -18.20 -23.60
C ALA A 402 4.73 -19.72 -23.51
N ALA A 403 5.57 -20.15 -22.58
CA ALA A 403 5.83 -21.57 -22.38
C ALA A 403 5.47 -21.97 -20.95
N ALA A 404 5.52 -20.99 -20.04
CA ALA A 404 5.21 -21.24 -18.63
C ALA A 404 3.74 -21.61 -18.45
N LEU A 405 3.06 -21.86 -19.57
CA LEU A 405 1.65 -22.24 -19.55
C LEU A 405 1.55 -23.76 -19.49
N LYS A 406 2.63 -24.37 -19.02
CA LYS A 406 2.74 -25.83 -18.87
C LYS A 406 1.95 -26.18 -17.61
N GLY A 407 0.62 -26.02 -17.69
CA GLY A 407 -0.23 -26.29 -16.54
C GLY A 407 0.32 -25.56 -15.33
N SER A 408 0.43 -26.26 -14.20
CA SER A 408 0.96 -25.65 -12.99
C SER A 408 2.48 -25.72 -13.05
N ASP A 409 3.11 -25.44 -11.93
CA ASP A 409 4.55 -25.49 -11.83
C ASP A 409 4.89 -26.02 -10.47
N HIS A 410 4.12 -27.02 -10.02
CA HIS A 410 4.32 -27.64 -8.71
C HIS A 410 5.77 -28.13 -8.68
N ARG A 411 6.37 -28.06 -7.50
CA ARG A 411 7.76 -28.48 -7.36
C ARG A 411 7.82 -30.01 -7.42
N ARG A 412 8.81 -30.51 -8.17
CA ARG A 412 9.06 -31.96 -8.37
C ARG A 412 8.46 -32.91 -7.33
N ALA A 413 7.17 -33.20 -7.49
CA ALA A 413 6.45 -34.09 -6.57
C ALA A 413 7.13 -34.22 -5.22
N THR A 414 7.82 -35.34 -5.01
CA THR A 414 8.52 -35.60 -3.76
C THR A 414 7.90 -34.78 -2.63
N ASN A 415 6.62 -35.02 -2.37
CA ASN A 415 5.85 -34.35 -1.32
C ASN A 415 6.74 -33.68 -0.27
N VAL A 416 6.45 -32.42 0.04
CA VAL A 416 7.25 -31.68 1.01
C VAL A 416 7.69 -32.52 2.20
N SER A 417 6.75 -33.22 2.85
CA SER A 417 7.08 -34.04 4.03
C SER A 417 8.10 -35.11 3.70
N ALA A 418 8.05 -35.63 2.49
CA ALA A 418 8.98 -36.67 2.02
C ALA A 418 10.06 -36.00 1.19
N ARG A 419 10.38 -34.76 1.55
CA ARG A 419 11.41 -33.97 0.88
C ARG A 419 12.25 -33.32 1.98
N LEU A 420 11.61 -33.13 3.13
CA LEU A 420 12.28 -32.55 4.29
C LEU A 420 13.27 -33.56 4.80
N ASP A 421 13.14 -34.79 4.31
CA ASP A 421 14.01 -35.88 4.71
C ASP A 421 15.34 -35.79 3.97
N ALA A 422 15.29 -35.63 2.66
CA ALA A 422 16.50 -35.53 1.86
C ALA A 422 17.21 -34.24 2.26
N GLN A 423 16.48 -33.35 2.92
CA GLN A 423 17.04 -32.07 3.35
C GLN A 423 17.75 -32.18 4.71
N GLN A 424 17.11 -32.82 5.68
CA GLN A 424 17.73 -32.99 7.00
C GLN A 424 18.89 -33.97 6.85
N LYS A 425 18.92 -34.62 5.69
CA LYS A 425 19.97 -35.58 5.35
C LYS A 425 21.17 -34.78 4.89
N LYS A 426 20.91 -33.76 4.07
CA LYS A 426 21.96 -32.90 3.56
C LYS A 426 22.38 -31.88 4.64
N LEU A 427 21.46 -31.54 5.54
CA LEU A 427 21.71 -30.57 6.60
C LEU A 427 21.95 -31.13 8.00
N ASN A 428 20.93 -31.73 8.60
CA ASN A 428 21.00 -32.27 9.95
C ASN A 428 21.00 -31.15 10.99
N LEU A 429 19.85 -30.93 11.63
CA LEU A 429 19.75 -29.90 12.63
C LEU A 429 18.91 -30.30 13.82
N PRO A 430 19.24 -29.71 14.98
CA PRO A 430 18.55 -29.96 16.23
C PRO A 430 17.10 -29.49 16.15
N ILE A 431 16.19 -30.32 16.61
CA ILE A 431 14.78 -29.96 16.60
C ILE A 431 14.60 -28.58 17.20
N LEU A 432 13.57 -27.87 16.76
CA LEU A 432 13.26 -26.52 17.24
C LEU A 432 14.44 -25.56 16.95
N PRO A 433 14.95 -25.56 15.69
CA PRO A 433 16.08 -24.72 15.26
C PRO A 433 15.87 -23.20 15.23
N THR A 434 16.98 -22.47 15.41
CA THR A 434 16.96 -21.01 15.42
C THR A 434 17.46 -20.40 14.11
N THR A 435 17.12 -19.13 13.92
CA THR A 435 17.51 -18.37 12.73
C THR A 435 16.83 -17.00 12.71
N THR A 436 17.31 -16.13 11.83
CA THR A 436 16.75 -14.79 11.69
C THR A 436 16.04 -14.65 10.35
N ILE A 437 15.38 -13.52 10.16
CA ILE A 437 14.62 -13.28 8.94
C ILE A 437 15.37 -12.62 7.77
N GLY A 438 16.56 -12.09 8.01
CA GLY A 438 17.27 -11.49 6.90
C GLY A 438 18.35 -10.45 7.16
N SER A 439 17.95 -9.28 7.66
CA SER A 439 18.90 -8.21 7.91
C SER A 439 19.26 -7.91 9.36
N PHE A 440 20.23 -7.03 9.52
CA PHE A 440 20.70 -6.60 10.82
C PHE A 440 20.84 -5.08 10.87
N PRO A 441 21.04 -4.52 12.07
CA PRO A 441 21.19 -3.07 12.22
C PRO A 441 22.28 -2.53 11.30
N GLN A 442 22.13 -1.28 10.88
CA GLN A 442 23.11 -0.62 10.00
C GLN A 442 23.97 0.36 10.80
N THR A 443 25.16 0.69 10.29
CA THR A 443 26.05 1.61 11.00
C THR A 443 26.39 2.91 10.27
N VAL A 444 27.70 3.19 10.14
CA VAL A 444 28.19 4.38 9.49
C VAL A 444 27.56 4.64 8.12
N GLU A 445 27.81 3.72 7.17
CA GLU A 445 27.27 3.81 5.82
C GLU A 445 27.95 4.82 4.90
N LEU A 446 28.50 4.32 3.81
CA LEU A 446 29.19 5.15 2.83
C LEU A 446 28.74 4.77 1.41
N ARG A 447 28.54 5.78 0.55
CA ARG A 447 28.08 5.56 -0.82
C ARG A 447 29.25 5.55 -1.81
N GLU A 461 38.78 -1.25 -1.42
CA GLU A 461 37.83 -0.93 -2.47
C GLU A 461 36.43 -0.87 -1.84
N ASP A 462 35.43 -1.36 -2.56
CA ASP A 462 34.06 -1.36 -2.06
C ASP A 462 33.73 -2.73 -1.47
N TYR A 463 34.27 -3.77 -2.12
CA TYR A 463 34.04 -5.14 -1.68
C TYR A 463 34.49 -5.36 -0.24
N VAL A 464 35.80 -5.21 -0.02
CA VAL A 464 36.40 -5.40 1.30
C VAL A 464 35.62 -4.72 2.44
N LYS A 465 35.05 -3.57 2.14
CA LYS A 465 34.30 -2.84 3.14
C LYS A 465 32.99 -3.55 3.47
N ALA A 466 32.34 -4.11 2.44
CA ALA A 466 31.08 -4.83 2.61
C ALA A 466 31.32 -6.18 3.27
N ILE A 467 32.43 -6.84 2.89
CA ILE A 467 32.83 -8.14 3.42
C ILE A 467 32.99 -8.07 4.94
N LYS A 468 33.64 -7.00 5.42
CA LYS A 468 33.86 -6.82 6.83
C LYS A 468 32.53 -6.86 7.56
N GLU A 469 31.61 -5.99 7.17
CA GLU A 469 30.30 -5.93 7.80
C GLU A 469 29.59 -7.30 7.85
N GLU A 470 29.94 -8.20 6.94
CA GLU A 470 29.31 -9.51 6.93
C GLU A 470 29.96 -10.51 7.88
N ILE A 471 31.28 -10.59 7.88
CA ILE A 471 31.97 -11.51 8.78
C ILE A 471 31.61 -11.11 10.20
N LYS A 472 31.16 -9.88 10.37
CA LYS A 472 30.77 -9.39 11.68
C LYS A 472 29.45 -10.05 12.03
N LYS A 473 28.53 -10.05 11.06
CA LYS A 473 27.22 -10.65 11.24
C LYS A 473 27.30 -12.18 11.23
N VAL A 474 28.30 -12.71 10.55
CA VAL A 474 28.51 -14.16 10.49
C VAL A 474 29.22 -14.63 11.76
N VAL A 475 30.39 -14.05 12.01
CA VAL A 475 31.19 -14.37 13.19
C VAL A 475 30.32 -14.20 14.42
N ASP A 476 29.36 -13.29 14.33
CA ASP A 476 28.44 -13.04 15.44
C ASP A 476 27.45 -14.17 15.57
N LEU A 477 26.72 -14.47 14.50
CA LEU A 477 25.72 -15.54 14.54
C LEU A 477 26.31 -16.82 15.15
N GLN A 478 27.46 -17.23 14.66
CA GLN A 478 28.12 -18.45 15.15
C GLN A 478 28.29 -18.40 16.66
N GLU A 479 29.05 -17.42 17.12
CA GLU A 479 29.30 -17.28 18.55
C GLU A 479 28.04 -16.83 19.28
N GLU A 480 27.09 -16.25 18.54
CA GLU A 480 25.83 -15.81 19.13
C GLU A 480 25.12 -17.08 19.60
N LEU A 481 25.66 -17.68 20.65
CA LEU A 481 25.14 -18.91 21.21
C LEU A 481 25.20 -20.03 20.17
N ASP A 482 24.40 -19.89 19.12
CA ASP A 482 24.37 -20.88 18.05
C ASP A 482 23.64 -20.37 16.80
N ILE A 483 22.32 -20.44 16.82
CA ILE A 483 21.53 -20.04 15.66
C ILE A 483 22.02 -20.95 14.54
N ASP A 484 21.32 -22.06 14.41
CA ASP A 484 21.61 -23.09 13.43
C ASP A 484 21.68 -22.60 11.99
N VAL A 485 20.79 -21.69 11.61
CA VAL A 485 20.76 -21.16 10.24
C VAL A 485 21.09 -19.66 10.25
N LEU A 486 22.20 -19.30 9.59
CA LEU A 486 22.66 -17.91 9.54
C LEU A 486 22.25 -17.15 8.26
N VAL A 487 22.58 -15.85 8.25
CA VAL A 487 22.29 -14.97 7.12
C VAL A 487 23.42 -13.93 7.01
N HIS A 488 23.59 -13.31 5.84
CA HIS A 488 24.67 -12.33 5.68
C HIS A 488 24.36 -10.90 6.13
N GLY A 489 23.11 -10.65 6.55
CA GLY A 489 22.72 -9.33 7.03
C GLY A 489 22.21 -8.29 6.04
N GLU A 490 22.38 -8.56 4.74
CA GLU A 490 21.96 -7.66 3.65
C GLU A 490 22.54 -6.25 3.71
N PRO A 491 23.84 -6.14 4.06
CA PRO A 491 24.45 -4.81 4.13
C PRO A 491 24.54 -4.13 2.75
N GLU A 492 24.77 -4.91 1.71
CA GLU A 492 24.87 -4.35 0.36
C GLU A 492 23.52 -3.99 -0.25
N ARG A 493 22.46 -4.02 0.56
CA ARG A 493 21.12 -3.71 0.06
C ARG A 493 20.43 -2.57 0.82
N ASN A 494 20.04 -1.53 0.08
CA ASN A 494 19.36 -0.36 0.64
C ASN A 494 17.86 -0.61 0.71
N ASP A 495 17.31 -1.12 -0.39
CA ASP A 495 15.88 -1.44 -0.47
C ASP A 495 15.70 -2.87 -0.92
N MSE A 496 14.82 -3.61 -0.25
CA MSE A 496 14.57 -5.01 -0.59
C MSE A 496 13.97 -5.18 -1.98
O MSE A 496 14.07 -6.25 -2.59
CB MSE A 496 13.66 -5.65 0.45
CG MSE A 496 12.20 -5.31 0.30
SE MSE A 496 11.08 -6.28 1.53
CE MSE A 496 11.65 -8.07 1.06
N VAL A 497 13.35 -4.13 -2.50
CA VAL A 497 12.74 -4.19 -3.82
C VAL A 497 13.61 -3.56 -4.90
N GLU A 498 14.28 -2.47 -4.56
CA GLU A 498 15.14 -1.76 -5.51
C GLU A 498 16.43 -2.49 -5.83
N TYR A 499 17.07 -3.04 -4.81
CA TYR A 499 18.32 -3.75 -5.00
C TYR A 499 18.19 -4.67 -6.21
N PHE A 500 17.06 -5.37 -6.29
CA PHE A 500 16.79 -6.31 -7.37
C PHE A 500 16.38 -5.63 -8.68
N GLY A 501 15.44 -4.70 -8.59
CA GLY A 501 14.98 -4.01 -9.79
C GLY A 501 16.13 -3.34 -10.54
N GLU A 502 17.15 -2.93 -9.81
CA GLU A 502 18.30 -2.27 -10.43
C GLU A 502 19.06 -3.27 -11.28
N GLN A 503 18.70 -4.55 -11.16
CA GLN A 503 19.37 -5.61 -11.90
C GLN A 503 18.44 -6.41 -12.80
N LEU A 504 17.32 -5.81 -13.16
CA LEU A 504 16.37 -6.47 -14.04
C LEU A 504 16.16 -5.59 -15.24
N SER A 505 15.72 -6.18 -16.34
CA SER A 505 15.55 -5.43 -17.58
C SER A 505 14.38 -4.48 -17.75
N GLY A 506 13.19 -4.86 -17.28
CA GLY A 506 12.05 -3.97 -17.46
C GLY A 506 11.96 -2.80 -16.50
N PHE A 507 13.00 -2.57 -15.71
CA PHE A 507 12.98 -1.51 -14.72
C PHE A 507 13.63 -0.18 -15.06
N ALA A 508 13.15 0.84 -14.36
CA ALA A 508 13.63 2.21 -14.47
C ALA A 508 13.46 2.85 -13.09
N PHE A 509 14.38 3.74 -12.71
CA PHE A 509 14.28 4.38 -11.42
C PHE A 509 14.18 5.90 -11.51
N THR A 510 13.27 6.44 -10.72
CA THR A 510 12.96 7.85 -10.65
C THR A 510 13.83 8.57 -9.64
N ALA A 511 14.00 9.88 -9.83
CA ALA A 511 14.81 10.69 -8.92
C ALA A 511 13.99 11.34 -7.81
N ASN A 512 12.76 11.74 -8.12
CA ASN A 512 11.86 12.43 -7.18
C ASN A 512 10.43 11.93 -7.11
N GLY A 513 10.14 10.83 -7.78
CA GLY A 513 8.78 10.31 -7.80
C GLY A 513 8.26 9.77 -6.49
N TRP A 514 8.24 10.63 -5.46
CA TRP A 514 7.77 10.19 -4.17
C TRP A 514 6.25 10.17 -4.08
N VAL A 515 5.77 9.26 -3.24
CA VAL A 515 4.35 9.08 -2.98
C VAL A 515 4.23 8.97 -1.46
N GLN A 516 3.23 9.64 -0.90
CA GLN A 516 3.05 9.60 0.55
C GLN A 516 2.51 8.25 0.98
N SER A 517 3.12 7.70 2.03
CA SER A 517 2.71 6.40 2.56
C SER A 517 1.90 6.59 3.83
N TYR A 518 2.33 7.53 4.67
CA TYR A 518 1.65 7.82 5.92
C TYR A 518 2.50 8.84 6.67
N GLY A 519 1.84 9.80 7.33
CA GLY A 519 2.57 10.82 8.07
C GLY A 519 3.50 11.60 7.17
N SER A 520 4.77 11.70 7.57
CA SER A 520 5.77 12.39 6.76
C SER A 520 6.61 11.42 5.93
N ARG A 521 6.28 10.13 6.02
CA ARG A 521 7.00 9.08 5.32
C ARG A 521 6.48 8.82 3.91
N CYS A 522 7.41 8.76 2.95
CA CYS A 522 7.07 8.50 1.55
C CYS A 522 7.86 7.31 1.02
N VAL A 523 7.52 6.90 -0.19
CA VAL A 523 8.21 5.80 -0.86
C VAL A 523 8.44 6.26 -2.29
N LYS A 524 9.49 5.78 -2.93
CA LYS A 524 9.78 6.14 -4.32
C LYS A 524 9.82 4.82 -5.09
N PRO A 525 8.66 4.32 -5.52
CA PRO A 525 8.50 3.06 -6.26
C PRO A 525 9.26 2.93 -7.57
N PRO A 526 9.86 1.75 -7.81
CA PRO A 526 10.61 1.54 -9.06
C PRO A 526 9.58 1.51 -10.18
N VAL A 527 10.04 1.63 -11.42
CA VAL A 527 9.12 1.60 -12.54
C VAL A 527 9.38 0.45 -13.50
N ILE A 528 8.37 -0.40 -13.65
CA ILE A 528 8.45 -1.54 -14.53
C ILE A 528 7.80 -1.07 -15.85
N TYR A 529 8.65 -0.63 -16.77
CA TYR A 529 8.23 -0.12 -18.07
C TYR A 529 8.12 -1.17 -19.17
N GLY A 530 8.90 -2.24 -19.07
CA GLY A 530 8.87 -3.27 -20.08
C GLY A 530 9.10 -4.68 -19.57
N ASP A 531 9.33 -5.61 -20.50
CA ASP A 531 9.57 -7.01 -20.17
C ASP A 531 10.83 -7.20 -19.35
N VAL A 532 10.65 -7.74 -18.15
CA VAL A 532 11.75 -7.98 -17.20
C VAL A 532 12.46 -9.30 -17.47
N SER A 533 13.75 -9.31 -17.15
CA SER A 533 14.58 -10.51 -17.31
C SER A 533 15.89 -10.25 -16.59
N ARG A 534 16.37 -11.24 -15.85
CA ARG A 534 17.62 -11.11 -15.11
C ARG A 534 18.81 -11.40 -16.01
N PRO A 535 19.49 -10.36 -16.49
CA PRO A 535 20.65 -10.53 -17.37
C PRO A 535 21.80 -11.30 -16.74
N LYS A 536 22.19 -10.92 -15.53
CA LYS A 536 23.30 -11.58 -14.87
C LYS A 536 23.03 -11.99 -13.43
N ALA A 537 23.96 -12.73 -12.83
CA ALA A 537 23.83 -13.20 -11.46
C ALA A 537 23.76 -12.02 -10.52
N MSE A 538 22.73 -11.98 -9.68
CA MSE A 538 22.52 -10.89 -8.73
C MSE A 538 23.10 -11.15 -7.36
O MSE A 538 24.11 -10.55 -6.98
CB MSE A 538 21.04 -10.59 -8.63
CG MSE A 538 20.35 -10.51 -9.98
SE MSE A 538 18.56 -9.86 -9.87
CE MSE A 538 17.61 -11.53 -9.68
N THR A 539 22.46 -12.03 -6.59
CA THR A 539 22.97 -12.36 -5.28
C THR A 539 24.27 -13.12 -5.53
N VAL A 540 24.16 -14.45 -5.61
CA VAL A 540 25.30 -15.33 -5.86
C VAL A 540 26.59 -14.92 -5.16
N PHE A 541 27.31 -13.99 -5.78
CA PHE A 541 28.58 -13.49 -5.24
C PHE A 541 28.61 -13.40 -3.71
N TRP A 542 27.73 -12.56 -3.17
CA TRP A 542 27.66 -12.33 -1.73
C TRP A 542 27.20 -13.53 -0.92
N SER A 543 26.20 -14.24 -1.42
CA SER A 543 25.69 -15.40 -0.71
C SER A 543 26.75 -16.51 -0.66
N ALA A 544 27.47 -16.68 -1.77
CA ALA A 544 28.52 -17.70 -1.88
C ALA A 544 29.68 -17.38 -0.97
N MSE A 545 30.06 -16.11 -0.94
CA MSE A 545 31.16 -15.66 -0.12
C MSE A 545 30.87 -15.81 1.37
O MSE A 545 31.74 -16.16 2.15
CB MSE A 545 31.46 -14.19 -0.45
CG MSE A 545 32.56 -13.55 0.38
SE MSE A 545 32.69 -11.66 -0.04
CE MSE A 545 33.94 -11.78 -1.51
N ALA A 546 29.62 -15.55 1.77
CA ALA A 546 29.23 -15.65 3.18
C ALA A 546 29.19 -17.10 3.65
N GLN A 547 28.84 -18.00 2.74
CA GLN A 547 28.79 -19.43 3.05
C GLN A 547 30.17 -20.01 2.81
N SER A 548 31.07 -19.73 3.75
CA SER A 548 32.45 -20.20 3.69
C SER A 548 33.17 -19.65 4.91
N MSE A 549 32.61 -18.58 5.47
CA MSE A 549 33.18 -17.97 6.67
C MSE A 549 32.63 -18.77 7.84
O MSE A 549 33.00 -18.55 8.99
CB MSE A 549 32.70 -16.52 6.80
CG MSE A 549 32.66 -15.74 5.50
SE MSE A 549 32.24 -13.89 5.81
CE MSE A 549 33.48 -13.07 4.56
N THR A 550 31.77 -19.72 7.52
CA THR A 550 31.15 -20.56 8.53
C THR A 550 30.95 -21.99 8.05
N SER A 551 30.76 -22.88 9.02
CA SER A 551 30.53 -24.28 8.75
C SER A 551 29.04 -24.56 8.90
N ARG A 552 28.27 -23.50 9.15
CA ARG A 552 26.81 -23.60 9.31
C ARG A 552 26.09 -23.19 8.01
N PRO A 553 24.81 -23.58 7.88
CA PRO A 553 24.00 -23.27 6.71
C PRO A 553 23.77 -21.78 6.50
N MSE A 554 24.07 -21.32 5.28
CA MSE A 554 23.88 -19.93 4.91
C MSE A 554 22.70 -19.88 3.95
O MSE A 554 22.72 -20.52 2.90
CB MSE A 554 25.12 -19.38 4.20
CG MSE A 554 25.90 -18.34 5.00
SE MSE A 554 24.86 -16.76 5.45
CE MSE A 554 24.94 -15.85 3.76
N LYS A 555 21.67 -19.11 4.30
CA LYS A 555 20.51 -19.02 3.42
C LYS A 555 20.58 -17.84 2.44
N GLY A 556 20.39 -18.14 1.16
CA GLY A 556 20.40 -17.11 0.14
C GLY A 556 19.17 -16.26 0.36
N MSE A 557 19.22 -15.00 -0.05
CA MSE A 557 18.07 -14.11 0.15
C MSE A 557 17.52 -13.50 -1.13
O MSE A 557 18.26 -12.91 -1.91
CB MSE A 557 18.43 -12.99 1.15
CG MSE A 557 18.20 -13.33 2.61
SE MSE A 557 16.33 -13.33 3.10
CE MSE A 557 15.83 -11.68 2.26
N LEU A 558 16.21 -13.64 -1.32
CA LEU A 558 15.57 -13.09 -2.49
C LEU A 558 14.20 -12.56 -2.12
N THR A 559 13.69 -11.68 -2.97
CA THR A 559 12.38 -11.07 -2.78
C THR A 559 11.43 -11.71 -3.80
N GLY A 560 10.30 -12.25 -3.33
CA GLY A 560 9.36 -12.88 -4.23
C GLY A 560 8.92 -11.96 -5.36
N PRO A 561 8.42 -12.50 -6.49
CA PRO A 561 7.95 -11.70 -7.63
C PRO A 561 6.65 -10.92 -7.38
N VAL A 562 5.86 -11.36 -6.39
CA VAL A 562 4.62 -10.69 -6.05
C VAL A 562 4.93 -9.36 -5.36
N THR A 563 5.83 -9.39 -4.36
CA THR A 563 6.20 -8.18 -3.64
C THR A 563 6.84 -7.14 -4.55
N ILE A 564 7.81 -7.56 -5.36
CA ILE A 564 8.46 -6.65 -6.28
C ILE A 564 7.41 -5.97 -7.18
N LEU A 565 6.39 -6.72 -7.58
CA LEU A 565 5.33 -6.20 -8.44
C LEU A 565 4.47 -5.17 -7.71
N ASN A 566 3.96 -5.54 -6.55
CA ASN A 566 3.10 -4.63 -5.79
C ASN A 566 3.74 -3.31 -5.37
N TRP A 567 5.01 -3.35 -5.03
CA TRP A 567 5.69 -2.14 -4.58
C TRP A 567 6.42 -1.38 -5.69
N SER A 568 5.83 -1.38 -6.87
CA SER A 568 6.40 -0.69 -8.03
C SER A 568 5.26 -0.09 -8.84
N PHE A 569 5.60 0.81 -9.76
CA PHE A 569 4.59 1.39 -10.64
C PHE A 569 4.64 0.45 -11.83
N VAL A 570 3.67 -0.46 -11.91
CA VAL A 570 3.63 -1.44 -12.98
C VAL A 570 3.01 -0.95 -14.29
N ARG A 571 3.57 -1.41 -15.40
CA ARG A 571 3.08 -1.03 -16.73
C ARG A 571 1.60 -1.34 -16.90
N ASN A 572 0.87 -0.35 -17.39
CA ASN A 572 -0.57 -0.48 -17.58
C ASN A 572 -0.99 -0.96 -18.99
N ASP A 573 -0.13 -1.75 -19.63
CA ASP A 573 -0.44 -2.25 -20.97
C ASP A 573 -0.66 -3.76 -21.04
N GLN A 574 -0.59 -4.45 -19.90
CA GLN A 574 -0.80 -5.89 -19.85
C GLN A 574 -1.26 -6.26 -18.44
N PRO A 575 -1.91 -7.40 -18.29
CA PRO A 575 -2.37 -7.82 -16.96
C PRO A 575 -1.24 -7.91 -15.95
N ARG A 576 -1.51 -7.49 -14.73
CA ARG A 576 -0.53 -7.54 -13.67
C ARG A 576 0.18 -8.89 -13.62
N HIS A 577 -0.61 -9.96 -13.54
CA HIS A 577 -0.07 -11.32 -13.45
C HIS A 577 0.94 -11.63 -14.53
N GLU A 578 0.61 -11.25 -15.76
CA GLU A 578 1.48 -11.49 -16.90
C GLU A 578 2.86 -10.92 -16.61
N THR A 579 2.89 -9.74 -16.02
CA THR A 579 4.14 -9.08 -15.67
C THR A 579 4.75 -9.84 -14.49
N CYS A 580 3.89 -10.27 -13.58
CA CYS A 580 4.34 -10.99 -12.41
C CYS A 580 5.06 -12.29 -12.79
N TYR A 581 4.49 -13.04 -13.72
CA TYR A 581 5.12 -14.29 -14.16
C TYR A 581 6.49 -14.06 -14.80
N GLN A 582 6.66 -12.91 -15.45
CA GLN A 582 7.95 -12.59 -16.07
C GLN A 582 8.99 -12.42 -14.96
N ILE A 583 8.59 -11.71 -13.91
CA ILE A 583 9.46 -11.47 -12.78
C ILE A 583 9.81 -12.81 -12.15
N ALA A 584 8.82 -13.69 -12.04
CA ALA A 584 9.02 -15.01 -11.45
C ALA A 584 10.08 -15.81 -12.21
N LEU A 585 10.03 -15.72 -13.54
CA LEU A 585 10.98 -16.41 -14.40
C LEU A 585 12.40 -15.92 -14.17
N ALA A 586 12.57 -14.62 -13.95
CA ALA A 586 13.89 -14.05 -13.71
C ALA A 586 14.44 -14.46 -12.35
N ILE A 587 13.57 -14.48 -11.35
CA ILE A 587 13.98 -14.86 -10.00
C ILE A 587 14.34 -16.32 -10.01
N LYS A 588 13.57 -17.08 -10.78
CA LYS A 588 13.78 -18.51 -10.90
C LYS A 588 15.24 -18.83 -11.21
N ASP A 589 15.89 -18.00 -12.02
CA ASP A 589 17.30 -18.25 -12.36
C ASP A 589 18.17 -18.15 -11.12
N GLU A 590 18.12 -17.01 -10.43
CA GLU A 590 18.92 -16.80 -9.23
C GLU A 590 18.76 -17.95 -8.24
N VAL A 591 17.54 -18.47 -8.12
CA VAL A 591 17.30 -19.57 -7.20
C VAL A 591 18.13 -20.75 -7.66
N GLU A 592 18.19 -20.96 -8.98
CA GLU A 592 18.94 -22.05 -9.57
C GLU A 592 20.44 -21.84 -9.69
N ASP A 593 20.88 -20.59 -9.52
CA ASP A 593 22.30 -20.27 -9.58
C ASP A 593 22.83 -20.20 -8.14
N LEU A 594 21.93 -19.93 -7.21
CA LEU A 594 22.29 -19.87 -5.80
C LEU A 594 22.53 -21.31 -5.40
N GLU A 595 21.84 -22.22 -6.07
CA GLU A 595 21.95 -23.65 -5.81
C GLU A 595 23.27 -24.15 -6.38
N LYS A 596 23.49 -23.91 -7.66
CA LYS A 596 24.72 -24.32 -8.32
C LYS A 596 25.92 -23.71 -7.59
N GLY A 597 25.64 -22.69 -6.80
CA GLY A 597 26.71 -22.02 -6.06
C GLY A 597 26.98 -22.68 -4.73
N GLY A 598 26.11 -23.59 -4.31
CA GLY A 598 26.33 -24.26 -3.05
C GLY A 598 25.43 -23.78 -1.92
N ILE A 599 24.42 -22.99 -2.26
CA ILE A 599 23.49 -22.53 -1.24
C ILE A 599 22.36 -23.56 -1.18
N GLY A 600 22.32 -24.31 -0.08
CA GLY A 600 21.33 -25.35 0.10
C GLY A 600 20.03 -24.91 0.74
N VAL A 601 20.08 -23.73 1.36
CA VAL A 601 18.90 -23.14 2.00
C VAL A 601 18.72 -21.79 1.34
N ILE A 602 17.52 -21.54 0.82
CA ILE A 602 17.22 -20.29 0.15
C ILE A 602 15.91 -19.69 0.68
N GLN A 603 15.98 -18.43 1.08
CA GLN A 603 14.82 -17.71 1.61
C GLN A 603 14.28 -16.72 0.59
N ILE A 604 12.97 -16.77 0.38
CA ILE A 604 12.31 -15.88 -0.57
C ILE A 604 11.16 -15.21 0.17
N ASP A 605 11.29 -13.90 0.42
CA ASP A 605 10.24 -13.20 1.14
C ASP A 605 9.17 -12.57 0.24
N GLU A 606 7.92 -12.77 0.66
CA GLU A 606 6.74 -12.23 -0.02
C GLU A 606 6.02 -11.38 1.01
N ALA A 607 6.65 -10.25 1.32
CA ALA A 607 6.18 -9.28 2.29
C ALA A 607 4.82 -8.66 1.95
N ALA A 608 4.65 -8.27 0.69
CA ALA A 608 3.43 -7.62 0.26
C ALA A 608 2.54 -8.56 -0.56
N LEU A 609 2.42 -9.81 -0.11
CA LEU A 609 1.62 -10.79 -0.82
C LEU A 609 0.13 -10.44 -0.84
N ARG A 610 -0.35 -9.90 0.27
CA ARG A 610 -1.76 -9.55 0.42
C ARG A 610 -2.16 -8.16 -0.13
N GLU A 611 -1.17 -7.35 -0.49
CA GLU A 611 -1.41 -6.00 -0.99
C GLU A 611 -2.13 -5.84 -2.34
N GLY A 612 -1.99 -6.82 -3.21
CA GLY A 612 -2.63 -6.72 -4.51
C GLY A 612 -4.02 -7.30 -4.52
N LEU A 613 -4.50 -7.67 -3.35
CA LEU A 613 -5.82 -8.26 -3.21
C LEU A 613 -6.92 -7.33 -3.73
N PRO A 614 -7.66 -7.78 -4.77
CA PRO A 614 -8.73 -6.94 -5.32
C PRO A 614 -9.68 -6.52 -4.21
N LEU A 615 -10.45 -5.46 -4.43
CA LEU A 615 -11.39 -5.00 -3.43
C LEU A 615 -12.69 -5.80 -3.53
N ARG A 616 -12.96 -6.32 -4.73
CA ARG A 616 -14.14 -7.13 -4.99
C ARG A 616 -13.81 -8.51 -4.42
N LYS A 617 -14.59 -8.98 -3.47
CA LYS A 617 -14.28 -10.28 -2.88
C LYS A 617 -14.28 -11.43 -3.88
N SER A 618 -15.17 -11.40 -4.86
CA SER A 618 -15.24 -12.46 -5.86
C SER A 618 -14.05 -12.43 -6.81
N GLU A 619 -13.16 -11.47 -6.62
CA GLU A 619 -11.99 -11.37 -7.48
C GLU A 619 -10.75 -11.84 -6.76
N HIS A 620 -10.92 -12.26 -5.52
CA HIS A 620 -9.80 -12.74 -4.73
C HIS A 620 -9.20 -14.03 -5.28
N ALA A 621 -10.05 -15.02 -5.53
CA ALA A 621 -9.59 -16.30 -6.04
C ALA A 621 -8.56 -16.17 -7.16
N PHE A 622 -8.91 -15.47 -8.24
CA PHE A 622 -8.01 -15.31 -9.38
C PHE A 622 -6.64 -14.72 -9.04
N TYR A 623 -6.60 -13.73 -8.14
CA TYR A 623 -5.36 -13.07 -7.73
C TYR A 623 -4.43 -13.99 -6.94
N LEU A 624 -4.97 -14.58 -5.86
CA LEU A 624 -4.22 -15.49 -5.00
C LEU A 624 -3.62 -16.65 -5.78
N ASP A 625 -4.29 -17.00 -6.88
CA ASP A 625 -3.88 -18.07 -7.76
C ASP A 625 -2.61 -17.70 -8.51
N TRP A 626 -2.69 -16.68 -9.36
CA TRP A 626 -1.52 -16.30 -10.12
C TRP A 626 -0.41 -15.77 -9.24
N ALA A 627 -0.77 -15.24 -8.07
CA ALA A 627 0.21 -14.72 -7.13
C ALA A 627 1.02 -15.89 -6.56
N VAL A 628 0.31 -16.90 -6.07
CA VAL A 628 0.95 -18.07 -5.50
C VAL A 628 1.70 -18.86 -6.57
N HIS A 629 1.11 -18.98 -7.76
CA HIS A 629 1.75 -19.69 -8.85
C HIS A 629 3.11 -19.06 -9.14
N SER A 630 3.13 -17.73 -9.25
CA SER A 630 4.35 -16.98 -9.51
C SER A 630 5.45 -17.37 -8.55
N PHE A 631 5.08 -17.63 -7.31
CA PHE A 631 6.04 -18.02 -6.28
C PHE A 631 6.65 -19.39 -6.57
N ARG A 632 5.81 -20.32 -6.99
CA ARG A 632 6.24 -21.67 -7.31
C ARG A 632 7.14 -21.69 -8.53
N ILE A 633 6.81 -20.89 -9.53
CA ILE A 633 7.62 -20.82 -10.73
C ILE A 633 9.04 -20.49 -10.34
N THR A 634 9.18 -19.85 -9.18
CA THR A 634 10.47 -19.44 -8.67
C THR A 634 11.40 -20.56 -8.27
N ASN A 635 10.88 -21.58 -7.61
CA ASN A 635 11.70 -22.68 -7.14
C ASN A 635 11.20 -24.05 -7.55
N CYS A 636 10.34 -24.13 -8.55
CA CYS A 636 9.81 -25.41 -9.00
C CYS A 636 10.91 -26.32 -9.54
N GLY A 637 11.98 -25.71 -10.08
CA GLY A 637 13.07 -26.49 -10.64
C GLY A 637 14.26 -26.71 -9.74
N VAL A 638 14.06 -26.55 -8.44
CA VAL A 638 15.11 -26.72 -7.43
C VAL A 638 15.18 -28.18 -6.95
N GLN A 639 16.31 -28.57 -6.32
CA GLN A 639 16.47 -29.94 -5.83
C GLN A 639 15.55 -30.34 -4.69
N ASP A 640 15.75 -31.54 -4.17
CA ASP A 640 14.92 -32.04 -3.08
C ASP A 640 15.67 -31.84 -1.77
N SER A 641 16.98 -31.74 -1.89
CA SER A 641 17.85 -31.53 -0.74
C SER A 641 17.90 -30.03 -0.44
N THR A 642 17.57 -29.22 -1.45
CA THR A 642 17.55 -27.76 -1.33
C THR A 642 16.31 -27.33 -0.57
N GLN A 643 16.51 -26.62 0.54
CA GLN A 643 15.39 -26.19 1.36
C GLN A 643 14.94 -24.74 1.13
N ILE A 644 13.70 -24.57 0.67
CA ILE A 644 13.14 -23.25 0.41
C ILE A 644 12.36 -22.68 1.59
N HIS A 645 12.62 -21.41 1.91
CA HIS A 645 11.97 -20.71 3.01
C HIS A 645 11.21 -19.49 2.49
N THR A 646 10.04 -19.21 3.05
CA THR A 646 9.28 -18.03 2.63
C THR A 646 8.93 -17.18 3.84
N HIS A 647 8.91 -15.86 3.65
CA HIS A 647 8.57 -14.92 4.71
C HIS A 647 7.44 -13.99 4.29
N MSE A 648 6.48 -13.79 5.19
CA MSE A 648 5.35 -12.92 4.92
C MSE A 648 4.98 -12.14 6.17
O MSE A 648 4.70 -12.71 7.22
CB MSE A 648 4.16 -13.75 4.49
CG MSE A 648 4.44 -14.63 3.28
SE MSE A 648 2.98 -15.83 3.02
CE MSE A 648 3.44 -17.12 4.43
N CYS A 649 4.95 -10.80 6.04
CA CYS A 649 4.64 -9.93 7.16
C CYS A 649 3.15 -9.88 7.49
N TYR A 650 2.62 -10.96 8.06
CA TYR A 650 1.21 -11.05 8.43
C TYR A 650 1.06 -11.96 9.65
N SER A 651 -0.10 -11.90 10.30
CA SER A 651 -0.37 -12.73 11.45
C SER A 651 -1.79 -13.29 11.39
N HIS A 652 -2.58 -12.79 10.44
CA HIS A 652 -3.95 -13.24 10.25
C HIS A 652 -4.08 -13.96 8.91
N PHE A 653 -4.36 -15.27 8.95
CA PHE A 653 -4.48 -16.06 7.73
C PHE A 653 -5.77 -16.87 7.58
N ASN A 654 -6.70 -16.76 8.53
CA ASN A 654 -7.96 -17.51 8.45
C ASN A 654 -8.63 -17.36 7.09
N ASP A 655 -8.31 -16.28 6.39
CA ASP A 655 -8.91 -15.99 5.09
C ASP A 655 -7.95 -16.14 3.91
N ILE A 656 -6.87 -16.89 4.10
CA ILE A 656 -5.87 -17.03 3.05
C ILE A 656 -4.97 -18.25 3.25
N ILE A 657 -5.25 -19.03 4.29
CA ILE A 657 -4.43 -20.20 4.61
C ILE A 657 -4.16 -21.17 3.46
N HIS A 658 -5.19 -21.51 2.69
CA HIS A 658 -5.02 -22.45 1.58
C HIS A 658 -4.02 -21.96 0.55
N SER A 659 -3.85 -20.66 0.46
CA SER A 659 -2.91 -20.11 -0.50
C SER A 659 -1.51 -20.28 0.05
N ILE A 660 -1.36 -20.18 1.36
CA ILE A 660 -0.05 -20.34 1.98
C ILE A 660 0.36 -21.79 1.78
N ILE A 661 -0.60 -22.69 1.88
CA ILE A 661 -0.32 -24.12 1.69
C ILE A 661 -0.05 -24.47 0.24
N ASP A 662 -0.75 -23.79 -0.67
CA ASP A 662 -0.60 -24.00 -2.11
C ASP A 662 0.71 -23.40 -2.63
N MSE A 663 1.43 -22.68 -1.76
CA MSE A 663 2.71 -22.09 -2.15
C MSE A 663 3.75 -23.21 -2.16
O MSE A 663 4.75 -23.16 -2.88
CB MSE A 663 3.13 -21.02 -1.15
CG MSE A 663 2.32 -19.73 -1.19
SE MSE A 663 2.97 -18.45 0.11
CE MSE A 663 4.60 -17.91 -0.76
N ASP A 664 3.50 -24.22 -1.32
CA ASP A 664 4.34 -25.40 -1.18
C ASP A 664 5.78 -25.08 -0.80
N ALA A 665 5.96 -24.50 0.38
CA ALA A 665 7.27 -24.14 0.87
C ALA A 665 7.72 -25.12 1.94
N ASP A 666 9.02 -25.41 1.97
CA ASP A 666 9.58 -26.33 2.94
C ASP A 666 9.44 -25.77 4.35
N VAL A 667 9.66 -24.46 4.48
CA VAL A 667 9.51 -23.78 5.76
C VAL A 667 9.06 -22.35 5.53
N ILE A 668 8.12 -21.88 6.35
CA ILE A 668 7.63 -20.52 6.23
C ILE A 668 7.73 -19.79 7.57
N THR A 669 7.96 -18.48 7.50
CA THR A 669 8.07 -17.65 8.70
C THR A 669 7.19 -16.41 8.57
N ILE A 670 6.24 -16.27 9.49
CA ILE A 670 5.32 -15.13 9.48
C ILE A 670 5.50 -14.27 10.74
N GLU A 671 4.46 -13.58 11.18
CA GLU A 671 4.57 -12.73 12.37
C GLU A 671 4.23 -13.39 13.70
N ASN A 672 3.07 -13.06 14.25
CA ASN A 672 2.60 -13.58 15.55
C ASN A 672 3.19 -12.69 16.65
N SER A 673 4.15 -13.21 17.41
CA SER A 673 4.81 -12.47 18.48
C SER A 673 3.98 -11.55 19.37
N ARG A 674 2.68 -11.47 19.10
CA ARG A 674 1.78 -10.63 19.87
C ARG A 674 0.34 -10.99 19.56
N SER A 675 0.14 -12.27 19.30
CA SER A 675 -1.16 -12.83 18.98
C SER A 675 -1.19 -14.17 19.72
N ASP A 676 -2.35 -14.81 19.76
CA ASP A 676 -2.47 -16.11 20.42
C ASP A 676 -1.72 -17.14 19.59
N GLU A 677 -1.02 -18.04 20.26
CA GLU A 677 -0.32 -19.10 19.56
C GLU A 677 -1.40 -20.14 19.27
N LYS A 678 -2.62 -19.79 19.69
CA LYS A 678 -3.82 -20.61 19.53
C LYS A 678 -4.33 -20.48 18.09
N LEU A 679 -4.28 -19.25 17.58
CA LEU A 679 -4.71 -18.96 16.22
C LEU A 679 -3.93 -19.81 15.21
N LEU A 680 -2.82 -20.40 15.66
CA LEU A 680 -1.97 -21.23 14.82
C LEU A 680 -2.64 -22.57 14.51
N SER A 681 -3.79 -22.79 15.12
CA SER A 681 -4.51 -24.04 14.90
C SER A 681 -5.31 -23.96 13.61
N VAL A 682 -5.01 -22.93 12.81
CA VAL A 682 -5.68 -22.79 11.51
C VAL A 682 -4.75 -23.48 10.54
N PHE A 683 -3.63 -23.95 11.08
CA PHE A 683 -2.61 -24.67 10.32
C PHE A 683 -2.74 -26.17 10.60
N ARG A 684 -3.83 -26.54 11.27
CA ARG A 684 -4.05 -27.94 11.61
C ARG A 684 -5.43 -28.42 11.20
N GLU A 685 -6.42 -28.09 12.02
CA GLU A 685 -7.78 -28.50 11.76
C GLU A 685 -8.18 -28.28 10.29
N GLY A 686 -8.71 -29.32 9.66
CA GLY A 686 -9.14 -29.25 8.27
C GLY A 686 -8.12 -28.74 7.29
N VAL A 687 -6.85 -28.75 7.70
CA VAL A 687 -5.77 -28.27 6.87
C VAL A 687 -4.61 -29.26 6.81
N LYS A 688 -4.12 -29.66 7.97
CA LYS A 688 -2.99 -30.59 8.08
C LYS A 688 -1.82 -30.10 7.22
N TYR A 689 -1.34 -28.90 7.52
CA TYR A 689 -0.23 -28.28 6.78
C TYR A 689 0.97 -29.21 6.70
N GLY A 690 1.54 -29.51 7.86
CA GLY A 690 2.71 -30.39 7.89
C GLY A 690 3.80 -29.93 6.95
N ALA A 691 4.68 -29.09 7.46
CA ALA A 691 5.80 -28.56 6.69
C ALA A 691 6.41 -27.42 7.50
N GLY A 692 7.72 -27.23 7.36
CA GLY A 692 8.40 -26.18 8.09
C GLY A 692 7.55 -24.95 8.32
N ILE A 693 7.61 -24.44 9.55
CA ILE A 693 6.87 -23.25 9.94
C ILE A 693 7.44 -22.73 11.26
N GLY A 694 7.41 -21.42 11.44
CA GLY A 694 7.93 -20.84 12.67
C GLY A 694 7.52 -19.39 12.85
N PRO A 695 6.51 -19.12 13.71
CA PRO A 695 6.00 -17.78 14.01
C PRO A 695 6.93 -17.01 14.95
N GLY A 696 6.82 -15.68 14.91
CA GLY A 696 7.66 -14.80 15.71
C GLY A 696 7.59 -14.85 17.23
N VAL A 697 8.77 -14.81 17.83
CA VAL A 697 8.92 -14.84 19.29
C VAL A 697 9.53 -13.53 19.79
N TYR A 698 10.08 -12.76 18.85
CA TYR A 698 10.69 -11.47 19.16
C TYR A 698 10.17 -10.35 18.26
N ASP A 699 9.32 -9.50 18.83
CA ASP A 699 8.75 -8.35 18.11
C ASP A 699 9.86 -7.34 17.85
N ILE A 700 10.32 -7.28 16.61
CA ILE A 700 11.41 -6.38 16.21
C ILE A 700 11.03 -4.93 15.94
N HIS A 701 9.83 -4.56 16.40
CA HIS A 701 9.33 -3.19 16.23
C HIS A 701 9.41 -2.41 17.55
N SER A 702 9.86 -3.11 18.60
CA SER A 702 9.99 -2.55 19.94
C SER A 702 11.46 -2.54 20.38
N PRO A 703 11.97 -1.37 20.79
CA PRO A 703 13.36 -1.27 21.24
C PRO A 703 13.67 -1.97 22.57
N ARG A 704 12.73 -2.79 23.06
CA ARG A 704 12.92 -3.51 24.33
C ARG A 704 13.24 -4.99 24.19
N ILE A 705 13.89 -5.53 25.23
CA ILE A 705 14.31 -6.93 25.29
C ILE A 705 13.23 -7.85 25.88
N PRO A 706 13.08 -9.08 25.34
CA PRO A 706 12.09 -10.04 25.82
C PRO A 706 12.69 -11.27 26.51
N SER A 707 13.15 -11.09 27.75
CA SER A 707 13.75 -12.16 28.55
C SER A 707 13.58 -13.59 28.01
N SER A 708 14.67 -14.36 28.10
CA SER A 708 14.71 -15.75 27.64
C SER A 708 13.56 -16.59 28.18
N GLU A 709 12.86 -16.06 29.19
CA GLU A 709 11.74 -16.75 29.80
C GLU A 709 10.44 -16.55 29.02
N GLU A 710 10.23 -15.34 28.51
CA GLU A 710 9.03 -15.00 27.73
C GLU A 710 9.00 -15.80 26.43
N ILE A 711 10.16 -15.88 25.76
CA ILE A 711 10.33 -16.61 24.50
C ILE A 711 10.17 -18.12 24.73
N ALA A 712 10.92 -18.66 25.69
CA ALA A 712 10.86 -20.08 26.02
C ALA A 712 9.43 -20.49 26.36
N ASP A 713 8.62 -19.49 26.70
CA ASP A 713 7.21 -19.70 27.05
C ASP A 713 6.33 -19.75 25.80
N ARG A 714 6.44 -18.72 24.95
CA ARG A 714 5.65 -18.67 23.73
C ARG A 714 5.94 -19.91 22.91
N VAL A 715 7.19 -20.37 22.99
CA VAL A 715 7.65 -21.56 22.28
C VAL A 715 6.89 -22.82 22.70
N ASN A 716 6.73 -23.00 24.01
CA ASN A 716 6.02 -24.15 24.52
C ASN A 716 4.55 -24.04 24.10
N LYS A 717 4.01 -22.81 24.18
CA LYS A 717 2.62 -22.53 23.81
C LYS A 717 2.30 -22.99 22.39
N MSE A 718 3.28 -22.86 21.50
CA MSE A 718 3.11 -23.28 20.12
C MSE A 718 3.27 -24.79 20.00
O MSE A 718 2.48 -25.45 19.32
CB MSE A 718 4.13 -22.56 19.22
CG MSE A 718 3.88 -21.06 19.12
SE MSE A 718 5.20 -20.14 18.07
CE MSE A 718 5.81 -18.83 19.36
N LEU A 719 4.28 -25.34 20.68
CA LEU A 719 4.53 -26.78 20.67
C LEU A 719 3.25 -27.49 21.09
N ALA A 720 2.38 -26.74 21.75
CA ALA A 720 1.10 -27.25 22.22
C ALA A 720 0.19 -27.40 21.00
N VAL A 721 0.09 -26.32 20.23
CA VAL A 721 -0.74 -26.33 19.02
C VAL A 721 0.09 -26.87 17.86
N LEU A 722 0.81 -25.98 17.18
CA LEU A 722 1.65 -26.40 16.06
C LEU A 722 2.57 -27.53 16.51
N GLU A 723 2.57 -28.62 15.75
CA GLU A 723 3.41 -29.77 16.08
C GLU A 723 4.84 -29.31 16.32
N GLN A 724 5.56 -30.05 17.16
CA GLN A 724 6.95 -29.73 17.51
C GLN A 724 7.94 -30.30 16.49
N ASN A 725 7.50 -31.32 15.77
CA ASN A 725 8.29 -32.01 14.76
C ASN A 725 8.88 -31.10 13.67
N ILE A 726 8.26 -29.95 13.44
CA ILE A 726 8.73 -29.03 12.42
C ILE A 726 8.54 -27.56 12.79
N LEU A 727 8.75 -27.22 14.06
CA LEU A 727 8.59 -25.85 14.51
C LEU A 727 9.95 -25.16 14.62
N TRP A 728 10.05 -23.96 14.04
CA TRP A 728 11.28 -23.18 14.07
C TRP A 728 11.15 -21.98 15.00
N VAL A 729 12.30 -21.43 15.39
CA VAL A 729 12.35 -20.29 16.29
C VAL A 729 13.09 -19.12 15.64
N ASN A 730 12.34 -18.10 15.24
CA ASN A 730 12.92 -16.90 14.60
C ASN A 730 12.24 -15.61 15.11
N PRO A 731 12.82 -14.43 14.77
CA PRO A 731 12.27 -13.14 15.21
C PRO A 731 10.86 -12.90 14.69
N ASP A 732 10.52 -11.64 14.45
CA ASP A 732 9.21 -11.26 13.96
C ASP A 732 9.41 -10.77 12.52
N CYS A 733 10.64 -10.34 12.23
CA CYS A 733 11.04 -9.84 10.92
C CYS A 733 12.54 -9.54 10.94
N GLY A 734 13.00 -8.75 9.97
CA GLY A 734 14.41 -8.39 9.93
C GLY A 734 14.78 -7.55 11.13
N LEU A 735 16.06 -7.24 11.28
CA LEU A 735 16.51 -6.43 12.41
C LEU A 735 17.20 -5.17 11.90
N LYS A 736 16.72 -4.67 10.77
CA LYS A 736 17.27 -3.48 10.12
C LYS A 736 17.00 -2.20 10.92
N THR A 737 15.76 -2.06 11.40
CA THR A 737 15.36 -0.88 12.17
C THR A 737 15.74 -0.96 13.64
N ARG A 738 16.22 -2.13 14.05
CA ARG A 738 16.64 -2.34 15.42
C ARG A 738 18.06 -1.79 15.62
N LYS A 739 18.51 -1.71 16.87
CA LYS A 739 19.85 -1.21 17.20
C LYS A 739 20.62 -2.38 17.82
N TYR A 740 21.83 -2.63 17.34
CA TYR A 740 22.66 -3.75 17.82
C TYR A 740 22.64 -3.98 19.33
N THR A 741 22.35 -2.93 20.09
CA THR A 741 22.31 -3.06 21.54
C THR A 741 20.99 -3.68 22.01
N GLU A 742 20.03 -3.78 21.11
CA GLU A 742 18.72 -4.34 21.43
C GLU A 742 18.61 -5.77 20.88
N VAL A 743 19.28 -6.01 19.75
CA VAL A 743 19.27 -7.33 19.11
C VAL A 743 20.25 -8.30 19.79
N LYS A 744 21.37 -7.74 20.23
CA LYS A 744 22.43 -8.51 20.89
C LYS A 744 21.90 -9.49 21.94
N PRO A 745 21.27 -8.98 23.02
CA PRO A 745 20.73 -9.85 24.07
C PRO A 745 19.46 -10.61 23.73
N ALA A 746 18.54 -9.93 23.04
CA ALA A 746 17.25 -10.51 22.65
C ALA A 746 17.38 -11.82 21.89
N LEU A 747 18.36 -11.89 20.99
CA LEU A 747 18.58 -13.11 20.20
C LEU A 747 19.24 -14.19 21.05
N LYS A 748 20.07 -13.78 22.00
CA LYS A 748 20.74 -14.72 22.89
C LYS A 748 19.67 -15.55 23.58
N ASN A 749 18.74 -14.86 24.23
CA ASN A 749 17.64 -15.47 24.96
C ASN A 749 16.89 -16.48 24.10
N MSE A 750 16.63 -16.10 22.85
CA MSE A 750 15.92 -16.95 21.90
C MSE A 750 16.65 -18.27 21.70
O MSE A 750 16.02 -19.31 21.50
CB MSE A 750 15.78 -16.21 20.55
CG MSE A 750 14.99 -16.95 19.46
SE MSE A 750 14.85 -15.93 17.78
CE MSE A 750 16.42 -16.62 16.86
N VAL A 751 17.98 -18.23 21.74
CA VAL A 751 18.80 -19.43 21.56
C VAL A 751 18.73 -20.29 22.81
N ASP A 752 18.81 -19.64 23.96
CA ASP A 752 18.73 -20.33 25.24
C ASP A 752 17.35 -20.95 25.38
N ALA A 753 16.33 -20.10 25.26
CA ALA A 753 14.94 -20.52 25.37
C ALA A 753 14.67 -21.77 24.52
N ALA A 754 15.54 -22.00 23.55
CA ALA A 754 15.42 -23.17 22.67
C ALA A 754 16.21 -24.35 23.26
N LYS A 755 17.45 -24.08 23.64
CA LYS A 755 18.30 -25.11 24.24
C LYS A 755 17.55 -25.64 25.46
N LEU A 756 16.89 -24.73 26.16
CA LEU A 756 16.11 -25.06 27.34
C LEU A 756 15.06 -26.10 27.00
N ILE A 757 14.06 -25.68 26.23
CA ILE A 757 12.99 -26.58 25.83
C ILE A 757 13.57 -27.79 25.09
N ARG A 758 14.81 -27.67 24.64
CA ARG A 758 15.50 -28.77 23.95
C ARG A 758 15.92 -29.83 24.95
N SER A 759 16.26 -29.39 26.15
CA SER A 759 16.67 -30.28 27.22
C SER A 759 15.55 -31.28 27.47
N GLN A 760 14.31 -30.82 27.28
CA GLN A 760 13.14 -31.67 27.48
C GLN A 760 13.27 -32.94 26.62
ZN ZN B . 8.36 -9.42 7.82
ZN ZN C . -5.37 -25.06 -3.97
S SO4 D . -9.37 5.04 24.95
O1 SO4 D . -10.55 5.34 25.78
O2 SO4 D . -9.79 4.28 23.76
O3 SO4 D . -8.74 6.30 24.54
O4 SO4 D . -8.41 4.23 25.74
S SO4 E . -2.03 -8.55 9.84
O1 SO4 E . -0.71 -7.94 10.11
O2 SO4 E . -3.07 -7.79 10.56
O3 SO4 E . -2.30 -8.53 8.39
O4 SO4 E . -2.03 -9.95 10.31
S SO4 F . -17.16 26.39 -9.25
O1 SO4 F . -16.00 26.79 -10.05
O2 SO4 F . -16.75 25.36 -8.27
O3 SO4 F . -17.69 27.56 -8.53
O4 SO4 F . -18.20 25.84 -10.15
S SO4 G . -4.92 -8.70 -13.80
O1 SO4 G . -4.66 -7.26 -14.06
O2 SO4 G . -5.33 -8.90 -12.38
O3 SO4 G . -6.00 -9.17 -14.70
O4 SO4 G . -3.71 -9.48 -14.04
N MET H . 14.83 -10.24 4.72
CA MET H . 14.67 -8.76 4.82
C MET H . 14.89 -8.30 6.26
O MET H . 15.08 -9.18 7.13
CB MET H . 13.26 -8.35 4.36
CG MET H . 12.14 -8.86 5.25
SD MET H . 10.49 -8.41 4.65
CE MET H . 10.18 -6.89 5.49
OXT MET H . 14.86 -7.07 6.50
N1 C2F I . 4.74 0.91 0.68
C2 C2F I . 5.67 0.50 -0.19
NA2 C2F I . 5.41 0.82 -1.60
N3 C2F I . 6.71 -0.09 -0.07
C4 C2F I . 7.17 -0.23 1.24
O4 C2F I . 8.50 -0.54 1.55
C4A C2F I . 6.24 -0.02 2.35
N5 C2F I . 6.17 -0.92 3.47
C6 C2F I . 4.85 -1.16 4.27
C7 C2F I . 3.61 -0.97 3.41
N8 C2F I . 3.98 -0.66 2.15
C8A C2F I . 4.89 0.36 1.91
C9 C2F I . 4.79 -0.33 5.56
N10 C2F I . 4.87 1.11 5.34
C11 C2F I . 7.38 -1.69 3.99
C12 C2F I . 8.27 3.52 4.96
C13 C2F I . 8.38 2.42 5.87
C14 C2F I . 7.29 1.55 6.06
C15 C2F I . 6.06 1.76 5.35
C16 C2F I . 5.96 2.88 4.46
C17 C2F I . 7.05 3.74 4.27
C C2F I . 9.48 4.45 4.75
O C2F I . 9.85 4.75 3.61
N C2F I . 10.06 4.87 5.89
CA C2F I . 11.23 5.74 6.02
CB C2F I . 11.09 7.13 5.37
CG C2F I . 11.80 7.26 4.03
CD C2F I . 11.62 8.66 3.45
OE1 C2F I . 10.44 9.07 3.27
OE2 C2F I . 12.66 9.31 3.19
CT C2F I . 11.58 5.89 7.51
O1 C2F I . 12.79 6.06 7.80
O2 C2F I . 10.64 5.84 8.33
#